data_5HP6
#
_entry.id   5HP6
#
_cell.length_a   72.847
_cell.length_b   82.641
_cell.length_c   132.069
_cell.angle_alpha   90.00
_cell.angle_beta   90.00
_cell.angle_gamma   90.00
#
_symmetry.space_group_name_H-M   'P 21 21 21'
#
loop_
_entity.id
_entity.type
_entity.pdbx_description
1 polymer 'Extracellular arabinanase'
2 non-polymer 'CALCIUM ION'
3 non-polymer 2-AMINO-2-HYDROXYMETHYL-PROPANE-1,3-DIOL
4 non-polymer DI(HYDROXYETHYL)ETHER
5 water water
#
_entity_poly.entity_id   1
_entity_poly.type   'polypeptide(L)'
_entity_poly.pdbx_seq_one_letter_code
;MKRRSLKGIALFLLIVAVCLSSATLGRGEEKHTGENVRQNQKVKDPQFTNVSVHDPSIVKDGDTYYIFGSHIEAAKSKDL
MNWEKFTNGYTTPNNKLYGDLSKNLAGSFKWAGENDADSKGGFAVWAPDVFWNKDYVNEDGTKGAYMIYYSVSSTYIRSA
IGYAVSKHIEGPYKYVDTIVYSGFTKEEAYDANSKINKKWTNTNIPKLIEQGKLKGVRADWFHNDGSYNNRDFPNAIDPN
LFYDEKGNLWMAYGSWSGGIFVLPMDKTTGKPIYPGKDGKTPDGRLVDRYFGIKIAGGYYQSGEGTYIVYDKNTDYYYLY
VTYGWLGADGGYNMRQFRSTSPTGPYVDAKGQSAVLPGEVDNSPYGNKIMGNFLFERKVGDPGTGIGVGYVSPGHNSVYL
DRKTGQQFLVFHTRFPQSGEYHEVRVHQMFMNKNGWPVVAPYRYAGEKLEKVNKQDVVGEYQLINHGKDYSADIKKQIFV
RLNRNNTISGDATGTWRKIGHNQAEITIDGETYDGVFVRQWDPTSKRYVMAFTALSNEGVSIWGSKLADKTDEEIVEDVA
SDLDLGDTDHVVSNLHLPTEGTRHTVISWTTSDAKVVSETGVVHRPEVGSAPVTATLTATITKGDATATKVFHITVLPYE
EAKLTAHYSFDNNDLSDSTGNFGPGTITGNRIDNEGGTIAYADGKIGKAAVLNGQSGIRLPDGLVSSNQYSVSLWVKPEQ
LTTHTTTFFGAKDPNHWISLVPQGWDGNTMLWSGSSPWYDGRTFWKIPTGQWTHLAFSVDNGAVKVYINGVEKFSGTNFP
DVFTGANASFALGVNWWDPPFKGLIDELRIYEGALTPSQVTDLAQTSE
;
_entity_poly.pdbx_strand_id   A
#
# COMPACT_ATOMS: atom_id res chain seq x y z
N ASP A 45 1.86 -27.62 2.53
CA ASP A 45 2.63 -28.41 3.47
C ASP A 45 3.19 -27.56 4.63
N PRO A 46 4.08 -26.58 4.37
CA PRO A 46 4.32 -25.72 5.54
C PRO A 46 3.08 -24.92 5.80
N GLN A 47 2.84 -24.51 7.02
CA GLN A 47 1.61 -23.79 7.22
C GLN A 47 1.88 -22.44 7.86
N PHE A 48 1.08 -21.47 7.44
CA PHE A 48 1.27 -20.08 7.77
C PHE A 48 0.04 -19.57 8.49
N THR A 49 0.26 -18.68 9.46
CA THR A 49 -0.81 -17.94 10.11
C THR A 49 -0.44 -16.47 10.01
N ASN A 50 -1.30 -15.69 9.38
CA ASN A 50 -0.98 -14.32 9.01
C ASN A 50 -1.55 -13.26 9.97
N VAL A 51 -0.92 -12.10 10.03
CA VAL A 51 -1.48 -10.98 10.76
C VAL A 51 -1.22 -9.71 9.99
N SER A 52 -2.00 -8.68 10.31
CA SER A 52 -1.86 -7.35 9.74
C SER A 52 -1.15 -6.41 10.71
N VAL A 53 0.16 -6.36 10.61
CA VAL A 53 0.93 -5.43 11.38
C VAL A 53 1.71 -4.56 10.40
N HIS A 54 1.37 -3.26 10.38
CA HIS A 54 1.98 -2.30 9.47
C HIS A 54 3.32 -1.88 10.05
N ASP A 55 4.34 -1.70 9.21
CA ASP A 55 5.66 -1.23 9.65
C ASP A 55 6.33 -2.09 10.73
N PRO A 56 6.37 -3.43 10.52
CA PRO A 56 6.80 -4.34 11.58
C PRO A 56 8.27 -4.18 11.98
N SER A 57 8.48 -4.13 13.28
CA SER A 57 9.79 -4.04 13.84
C SER A 57 10.03 -5.35 14.60
N ILE A 58 10.98 -6.17 14.16
CA ILE A 58 11.15 -7.48 14.79
C ILE A 58 12.17 -7.50 15.94
N VAL A 59 11.90 -8.31 16.95
CA VAL A 59 12.83 -8.50 18.05
C VAL A 59 12.65 -9.88 18.70
N LYS A 60 13.76 -10.55 19.03
CA LYS A 60 13.64 -11.85 19.68
C LYS A 60 13.79 -11.73 21.18
N ASP A 61 12.84 -12.30 21.91
CA ASP A 61 12.90 -12.36 23.36
C ASP A 61 12.88 -13.83 23.78
N GLY A 62 14.04 -14.35 24.17
CA GLY A 62 14.17 -15.77 24.42
C GLY A 62 13.82 -16.61 23.21
N ASP A 63 12.75 -17.39 23.31
CA ASP A 63 12.38 -18.32 22.25
C ASP A 63 11.29 -17.76 21.34
N THR A 64 10.83 -16.55 21.62
CA THR A 64 9.75 -15.98 20.85
C THR A 64 10.18 -14.78 20.01
N TYR A 65 9.73 -14.76 18.75
CA TYR A 65 9.91 -13.60 17.92
C TYR A 65 8.72 -12.68 18.13
N TYR A 66 8.97 -11.39 18.34
CA TYR A 66 7.88 -10.39 18.40
C TYR A 66 8.00 -9.36 17.28
N ILE A 67 6.88 -8.82 16.81
CA ILE A 67 6.92 -7.67 15.93
C ILE A 67 6.01 -6.56 16.45
N PHE A 68 6.55 -5.34 16.47
CA PHE A 68 5.79 -4.16 16.87
C PHE A 68 5.64 -3.26 15.66
N GLY A 69 4.41 -2.86 15.36
CA GLY A 69 4.13 -1.99 14.22
C GLY A 69 3.32 -0.76 14.57
N SER A 70 2.87 -0.03 13.55
CA SER A 70 2.08 1.18 13.75
C SER A 70 0.70 0.86 14.32
N HIS A 71 0.05 1.88 14.89
CA HIS A 71 -1.32 1.81 15.43
C HIS A 71 -1.41 0.85 16.59
N ILE A 72 -0.29 0.77 17.30
CA ILE A 72 -0.18 0.00 18.54
C ILE A 72 -0.60 -1.45 18.33
N GLU A 73 -0.11 -2.02 17.22
CA GLU A 73 -0.28 -3.43 16.90
C GLU A 73 1.02 -4.21 17.13
N ALA A 74 0.91 -5.39 17.71
CA ALA A 74 2.04 -6.26 17.84
C ALA A 74 1.59 -7.72 17.81
N ALA A 75 2.56 -8.60 17.57
CA ALA A 75 2.28 -9.99 17.37
C ALA A 75 3.52 -10.81 17.71
N LYS A 76 3.33 -12.12 17.90
CA LYS A 76 4.43 -13.00 18.26
C LYS A 76 4.31 -14.35 17.56
N SER A 77 5.47 -15.01 17.44
CA SER A 77 5.63 -16.27 16.74
C SER A 77 6.80 -17.04 17.31
N LYS A 78 6.81 -18.37 17.19
CA LYS A 78 7.98 -19.14 17.59
C LYS A 78 8.82 -19.54 16.36
N ASP A 79 8.24 -19.38 15.17
CA ASP A 79 8.85 -19.92 13.97
C ASP A 79 8.91 -18.97 12.78
N LEU A 80 8.37 -17.75 12.94
CA LEU A 80 8.33 -16.75 11.86
C LEU A 80 7.34 -17.10 10.75
N MET A 81 6.49 -18.09 11.00
CA MET A 81 5.52 -18.50 10.00
C MET A 81 4.11 -18.39 10.52
N ASN A 82 3.96 -18.64 11.80
CA ASN A 82 2.64 -18.54 12.38
C ASN A 82 2.63 -17.42 13.42
N TRP A 83 1.87 -16.38 13.12
CA TRP A 83 1.83 -15.18 13.94
C TRP A 83 0.52 -15.13 14.67
N GLU A 84 0.58 -14.63 15.89
CA GLU A 84 -0.60 -14.42 16.69
C GLU A 84 -0.51 -13.04 17.35
N LYS A 85 -1.52 -12.21 17.09
CA LYS A 85 -1.61 -10.86 17.60
C LYS A 85 -2.05 -10.79 19.07
N PHE A 86 -1.40 -9.96 19.88
CA PHE A 86 -1.73 -9.87 21.31
C PHE A 86 -2.08 -8.45 21.77
N THR A 87 -2.24 -7.53 20.83
CA THR A 87 -2.53 -6.14 21.18
C THR A 87 -4.01 -5.83 20.91
N ASN A 88 -4.42 -4.60 21.18
CA ASN A 88 -5.79 -4.20 20.89
C ASN A 88 -5.86 -2.84 20.20
N GLY A 89 -4.85 -2.52 19.42
CA GLY A 89 -4.83 -1.29 18.66
C GLY A 89 -4.93 -0.04 19.53
N TYR A 90 -5.75 0.91 19.07
CA TYR A 90 -5.86 2.22 19.71
C TYR A 90 -6.84 2.23 20.88
N THR A 91 -7.49 1.11 21.12
CA THR A 91 -8.35 0.93 22.29
C THR A 91 -7.77 1.45 23.60
N THR A 92 -8.51 2.36 24.23
CA THR A 92 -8.03 3.04 25.44
C THR A 92 -9.24 3.41 26.32
N PRO A 93 -9.09 3.33 27.65
CA PRO A 93 -7.91 2.89 28.39
C PRO A 93 -7.80 1.38 28.42
N ASN A 94 -6.87 0.84 29.19
CA ASN A 94 -6.50 -0.58 29.16
C ASN A 94 -5.87 -0.97 27.80
N ASN A 95 -5.23 0.01 27.17
CA ASN A 95 -4.43 -0.21 25.96
C ASN A 95 -3.36 -1.21 26.27
N LYS A 96 -3.19 -2.23 25.43
CA LYS A 96 -2.31 -3.32 25.79
C LYS A 96 -0.88 -2.84 26.02
N LEU A 97 -0.40 -1.93 25.18
CA LEU A 97 0.98 -1.49 25.36
C LEU A 97 1.14 -0.29 26.27
N TYR A 98 0.15 0.59 26.33
CA TYR A 98 0.33 1.88 26.96
C TYR A 98 -0.65 2.19 28.08
N GLY A 99 -1.59 1.28 28.32
CA GLY A 99 -2.55 1.41 29.41
C GLY A 99 -3.60 2.47 29.12
N ASP A 100 -3.46 3.62 29.79
CA ASP A 100 -4.29 4.78 29.51
C ASP A 100 -3.52 5.62 28.50
N LEU A 101 -3.79 5.36 27.22
CA LEU A 101 -2.99 5.91 26.14
C LEU A 101 -2.86 7.42 26.25
N SER A 102 -4.00 8.10 26.37
CA SER A 102 -4.01 9.56 26.38
C SER A 102 -3.21 10.18 27.52
N LYS A 103 -3.23 9.55 28.69
CA LYS A 103 -2.51 10.13 29.84
C LYS A 103 -1.05 9.70 29.94
N ASN A 104 -0.75 8.47 29.54
CA ASN A 104 0.61 7.97 29.59
C ASN A 104 1.52 8.76 28.65
N LEU A 105 1.09 8.92 27.40
CA LEU A 105 1.92 9.58 26.39
C LEU A 105 1.58 11.05 26.21
N ALA A 106 0.97 11.65 27.23
CA ALA A 106 0.47 13.02 27.10
C ALA A 106 1.60 13.97 26.70
N GLY A 107 2.78 13.77 27.27
CA GLY A 107 3.90 14.63 26.94
C GLY A 107 4.22 14.73 25.45
N SER A 108 3.99 13.61 24.73
CA SER A 108 4.21 13.54 23.30
C SER A 108 3.01 14.10 22.55
N PHE A 109 1.83 13.72 23.01
CA PHE A 109 0.60 14.10 22.34
C PHE A 109 0.38 15.62 22.39
N LYS A 110 0.99 16.27 23.39
CA LYS A 110 1.01 17.74 23.48
C LYS A 110 1.50 18.40 22.20
N TRP A 111 2.37 17.71 21.46
CA TRP A 111 2.96 18.32 20.27
C TRP A 111 2.32 17.82 18.99
N ALA A 112 1.85 16.57 18.98
CA ALA A 112 1.21 16.00 17.80
C ALA A 112 0.64 14.65 18.13
N GLY A 113 -0.23 14.15 17.24
CA GLY A 113 -0.66 12.76 17.25
C GLY A 113 -1.94 12.40 17.99
N GLU A 114 -2.50 13.35 18.73
CA GLU A 114 -3.75 13.11 19.45
C GLU A 114 -4.84 14.07 18.99
N ASN A 115 -5.83 13.52 18.28
CA ASN A 115 -6.98 14.28 17.78
C ASN A 115 -6.64 15.68 17.23
N ASP A 116 -5.61 15.75 16.38
CA ASP A 116 -5.08 17.03 15.93
C ASP A 116 -4.65 16.95 14.47
N ALA A 117 -5.15 17.86 13.63
CA ALA A 117 -4.87 17.85 12.19
C ALA A 117 -5.24 16.50 11.56
N ASP A 118 -4.28 15.76 11.00
CA ASP A 118 -4.59 14.47 10.37
C ASP A 118 -4.91 13.36 11.38
N SER A 119 -4.72 13.63 12.67
CA SER A 119 -5.04 12.66 13.70
C SER A 119 -6.37 12.99 14.37
N LYS A 120 -7.06 13.99 13.86
CA LYS A 120 -8.36 14.38 14.42
C LYS A 120 -9.35 13.22 14.31
N GLY A 121 -10.03 12.94 15.41
CA GLY A 121 -10.91 11.78 15.50
C GLY A 121 -10.27 10.60 16.21
N GLY A 122 -8.96 10.66 16.44
CA GLY A 122 -8.28 9.53 17.06
C GLY A 122 -6.83 9.74 17.47
N PHE A 123 -6.00 8.77 17.12
CA PHE A 123 -4.61 8.78 17.52
C PHE A 123 -3.69 8.47 16.35
N ALA A 124 -2.43 8.90 16.44
CA ALA A 124 -1.45 8.49 15.46
C ALA A 124 -0.16 8.08 16.15
N VAL A 125 -0.03 6.80 16.48
CA VAL A 125 1.21 6.28 17.06
C VAL A 125 1.85 5.33 16.03
N TRP A 126 2.99 5.74 15.49
CA TRP A 126 3.54 5.12 14.28
C TRP A 126 4.88 4.44 14.45
N ALA A 127 5.03 3.32 13.74
CA ALA A 127 6.33 2.73 13.45
C ALA A 127 7.30 2.68 14.61
N PRO A 128 7.00 1.89 15.63
CA PRO A 128 7.94 1.85 16.75
C PRO A 128 9.18 0.98 16.53
N ASP A 129 10.15 1.08 17.42
CA ASP A 129 11.24 0.10 17.49
C ASP A 129 11.39 -0.36 18.94
N VAL A 130 11.41 -1.67 19.15
CA VAL A 130 11.57 -2.24 20.50
C VAL A 130 12.89 -3.01 20.61
N PHE A 131 13.59 -2.84 21.73
CA PHE A 131 14.79 -3.60 22.03
C PHE A 131 15.09 -3.59 23.52
N TRP A 132 15.91 -4.55 23.94
CA TRP A 132 16.30 -4.69 25.34
C TRP A 132 17.56 -3.90 25.59
N ASN A 133 17.47 -2.96 26.53
CA ASN A 133 18.63 -2.16 26.92
C ASN A 133 19.15 -2.64 28.26
N LYS A 134 20.28 -3.32 28.29
CA LYS A 134 20.74 -3.88 29.55
C LYS A 134 21.30 -2.81 30.50
N ASP A 135 21.62 -1.65 29.96
CA ASP A 135 22.21 -0.57 30.75
C ASP A 135 21.21 0.49 31.19
N TYR A 136 19.95 0.38 30.77
CA TYR A 136 18.97 1.39 31.12
C TYR A 136 18.73 1.42 32.65
N VAL A 137 18.82 2.59 33.26
CA VAL A 137 18.52 2.74 34.69
C VAL A 137 17.06 3.12 34.92
N ASN A 138 16.31 2.19 35.51
CA ASN A 138 14.88 2.39 35.76
C ASN A 138 14.59 3.38 36.88
N GLU A 139 13.34 3.81 37.01
CA GLU A 139 13.09 4.86 37.96
C GLU A 139 13.19 4.36 39.40
N ASP A 140 13.30 3.04 39.60
CA ASP A 140 13.60 2.49 40.93
C ASP A 140 15.08 2.12 41.14
N GLY A 141 15.93 2.46 40.17
CA GLY A 141 17.35 2.26 40.33
C GLY A 141 17.90 0.98 39.72
N THR A 142 17.04 0.03 39.39
CA THR A 142 17.50 -1.22 38.77
C THR A 142 17.99 -1.00 37.33
N LYS A 143 18.72 -1.98 36.79
CA LYS A 143 19.30 -1.90 35.45
C LYS A 143 18.56 -2.80 34.50
N GLY A 144 18.38 -2.34 33.26
CA GLY A 144 17.77 -3.15 32.23
C GLY A 144 16.28 -2.92 32.01
N ALA A 145 15.89 -2.73 30.75
CA ALA A 145 14.46 -2.57 30.39
C ALA A 145 14.26 -2.78 28.90
N TYR A 146 13.04 -3.13 28.51
CA TYR A 146 12.65 -3.03 27.11
C TYR A 146 12.29 -1.59 26.83
N MET A 147 12.85 -1.02 25.77
CA MET A 147 12.46 0.31 25.33
C MET A 147 11.65 0.24 24.05
N ILE A 148 10.50 0.92 24.03
CA ILE A 148 9.79 1.15 22.79
C ILE A 148 9.96 2.64 22.43
N TYR A 149 10.66 2.91 21.34
CA TYR A 149 10.68 4.22 20.72
C TYR A 149 9.57 4.25 19.70
N TYR A 150 8.68 5.23 19.82
CA TYR A 150 7.53 5.36 18.94
C TYR A 150 7.56 6.70 18.26
N SER A 151 6.63 6.90 17.35
CA SER A 151 6.49 8.20 16.75
C SER A 151 5.04 8.67 16.88
N VAL A 152 4.84 9.98 16.97
CA VAL A 152 3.51 10.60 16.90
C VAL A 152 3.51 11.70 15.84
N SER A 153 2.41 11.81 15.11
CA SER A 153 2.39 12.68 13.95
C SER A 153 1.02 13.36 13.78
N SER A 154 1.03 14.58 13.28
CA SER A 154 -0.22 15.30 13.01
C SER A 154 -0.31 15.77 11.57
N THR A 155 0.83 16.14 10.99
CA THR A 155 0.91 16.51 9.58
C THR A 155 2.10 15.82 8.96
N TYR A 156 2.25 15.95 7.66
CA TYR A 156 3.40 15.38 6.96
C TYR A 156 4.75 15.90 7.54
N ILE A 157 4.72 16.96 8.35
CA ILE A 157 5.98 17.40 8.99
C ILE A 157 5.94 17.68 10.49
N ARG A 158 4.77 17.81 11.10
CA ARG A 158 4.72 18.05 12.55
C ARG A 158 4.60 16.70 13.27
N SER A 159 5.74 16.25 13.78
CA SER A 159 5.81 14.95 14.44
C SER A 159 6.81 15.00 15.56
N ALA A 160 6.83 13.94 16.36
CA ALA A 160 7.89 13.80 17.36
C ALA A 160 8.19 12.33 17.64
N ILE A 161 9.43 12.08 18.10
CA ILE A 161 9.83 10.78 18.61
C ILE A 161 9.98 10.84 20.11
N GLY A 162 9.30 9.93 20.81
CA GLY A 162 9.51 9.75 22.22
C GLY A 162 9.72 8.27 22.48
N TYR A 163 9.82 7.89 23.76
CA TYR A 163 10.02 6.49 24.13
C TYR A 163 9.45 6.22 25.49
N ALA A 164 9.13 4.95 25.71
CA ALA A 164 8.58 4.42 26.94
C ALA A 164 9.36 3.14 27.31
N VAL A 165 9.30 2.70 28.56
CA VAL A 165 10.05 1.53 28.98
C VAL A 165 9.20 0.51 29.74
N SER A 166 9.69 -0.74 29.84
CA SER A 166 8.99 -1.79 30.58
C SER A 166 9.91 -2.95 30.92
N LYS A 167 9.57 -3.66 31.99
CA LYS A 167 10.40 -4.78 32.44
C LYS A 167 10.10 -6.02 31.61
N HIS A 168 8.92 -6.05 30.98
CA HIS A 168 8.55 -7.18 30.15
C HIS A 168 8.11 -6.74 28.76
N ILE A 169 8.42 -7.55 27.76
CA ILE A 169 8.33 -7.10 26.39
C ILE A 169 6.88 -6.88 25.91
N GLU A 170 5.92 -7.52 26.58
CA GLU A 170 4.51 -7.35 26.18
C GLU A 170 3.86 -6.14 26.86
N GLY A 171 4.64 -5.45 27.68
CA GLY A 171 4.16 -4.23 28.30
C GLY A 171 3.52 -4.49 29.66
N PRO A 172 2.92 -3.44 30.24
CA PRO A 172 2.76 -2.13 29.63
C PRO A 172 4.01 -1.24 29.72
N TYR A 173 4.09 -0.28 28.82
CA TYR A 173 5.25 0.59 28.75
C TYR A 173 4.93 1.95 29.35
N LYS A 174 5.85 2.49 30.14
CA LYS A 174 5.63 3.78 30.77
C LYS A 174 6.47 4.88 30.14
N TYR A 175 5.81 5.92 29.65
CA TYR A 175 6.45 7.12 29.08
C TYR A 175 7.72 7.55 29.81
N VAL A 176 8.75 7.94 29.06
CA VAL A 176 9.93 8.53 29.68
C VAL A 176 10.14 9.97 29.21
N ASP A 177 10.26 10.17 27.91
CA ASP A 177 10.51 11.50 27.37
C ASP A 177 10.14 11.59 25.89
N THR A 178 10.14 12.82 25.37
CA THR A 178 9.93 13.10 23.94
C THR A 178 11.18 13.80 23.48
N ILE A 179 11.90 13.25 22.51
CA ILE A 179 13.29 13.65 22.33
C ILE A 179 13.66 14.37 21.03
N VAL A 180 12.88 14.17 19.97
CA VAL A 180 13.16 14.88 18.72
C VAL A 180 11.86 15.44 18.16
N TYR A 181 11.88 16.69 17.74
CA TYR A 181 10.70 17.37 17.19
C TYR A 181 10.96 17.91 15.80
N SER A 182 9.93 17.91 14.97
CA SER A 182 10.01 18.54 13.67
C SER A 182 8.75 19.31 13.37
N GLY A 183 8.80 20.10 12.31
CA GLY A 183 7.65 20.85 11.87
C GLY A 183 7.37 22.07 12.73
N PHE A 184 8.35 22.49 13.51
CA PHE A 184 8.18 23.69 14.33
C PHE A 184 8.48 24.96 13.52
N THR A 185 8.00 26.10 14.01
CA THR A 185 8.16 27.35 13.29
C THR A 185 8.85 28.47 14.10
N LYS A 186 9.31 29.50 13.41
CA LYS A 186 10.10 30.57 14.03
C LYS A 186 9.28 31.42 14.99
N GLU A 187 8.04 31.68 14.60
CA GLU A 187 7.09 32.47 15.38
C GLU A 187 5.79 31.68 15.52
N GLU A 188 4.87 32.21 16.33
CA GLU A 188 3.58 31.55 16.57
C GLU A 188 2.86 31.22 15.27
N ALA A 189 2.29 30.03 15.21
CA ALA A 189 1.65 29.53 14.00
C ALA A 189 0.79 28.34 14.35
N TYR A 190 -0.20 28.04 13.51
CA TYR A 190 -1.12 26.93 13.75
C TYR A 190 -1.51 26.24 12.46
N ASP A 191 -1.85 24.95 12.54
CA ASP A 191 -2.33 24.19 11.40
C ASP A 191 -3.86 24.12 11.45
N ALA A 192 -4.46 23.84 10.29
CA ALA A 192 -5.90 23.62 10.20
C ALA A 192 -6.33 22.49 11.14
N ASN A 193 -7.52 22.62 11.71
CA ASN A 193 -8.03 21.66 12.70
C ASN A 193 -7.07 21.45 13.87
N SER A 194 -6.28 22.47 14.21
CA SER A 194 -5.28 22.37 15.29
C SER A 194 -5.23 23.59 16.19
N LYS A 195 -5.20 23.34 17.49
CA LYS A 195 -5.05 24.43 18.45
C LYS A 195 -3.63 24.49 19.00
N ILE A 196 -2.70 23.75 18.40
CA ILE A 196 -1.36 23.62 18.96
C ILE A 196 -0.36 24.60 18.37
N ASN A 197 0.37 25.30 19.22
CA ASN A 197 1.30 26.31 18.74
C ASN A 197 2.61 25.67 18.32
N LYS A 198 2.95 25.86 17.05
CA LYS A 198 4.10 25.21 16.46
C LYS A 198 5.39 25.94 16.68
N LYS A 199 5.36 27.04 17.44
CA LYS A 199 6.60 27.77 17.65
C LYS A 199 7.63 26.88 18.34
N TRP A 200 8.89 27.04 17.96
CA TRP A 200 9.97 26.18 18.45
C TRP A 200 10.13 26.19 19.96
N THR A 201 9.50 27.14 20.64
CA THR A 201 9.63 27.26 22.08
C THR A 201 8.75 26.25 22.80
N ASN A 202 7.87 25.59 22.05
CA ASN A 202 7.02 24.55 22.62
C ASN A 202 7.58 23.14 22.42
N THR A 203 8.84 23.08 21.98
CA THR A 203 9.55 21.81 21.86
C THR A 203 10.58 21.70 23.00
N ASN A 204 11.47 20.72 22.94
CA ASN A 204 12.49 20.56 23.98
C ASN A 204 13.70 21.41 23.70
N ILE A 205 13.63 22.21 22.64
CA ILE A 205 14.79 23.00 22.26
C ILE A 205 15.16 24.07 23.32
N PRO A 206 14.17 24.78 23.89
CA PRO A 206 14.56 25.70 24.97
C PRO A 206 15.25 25.00 26.13
N LYS A 207 14.76 23.82 26.51
CA LYS A 207 15.34 23.11 27.65
C LYS A 207 16.77 22.71 27.32
N LEU A 208 17.02 22.36 26.07
CA LEU A 208 18.36 21.96 25.68
C LEU A 208 19.32 23.15 25.67
N ILE A 209 18.89 24.29 25.13
CA ILE A 209 19.70 25.51 25.14
C ILE A 209 20.04 25.92 26.58
N GLU A 210 19.07 25.77 27.46
CA GLU A 210 19.22 26.04 28.87
C GLU A 210 20.32 25.16 29.47
N GLN A 211 20.29 23.87 29.18
CA GLN A 211 21.26 22.93 29.74
C GLN A 211 22.60 23.09 29.06
N GLY A 212 22.67 23.93 28.04
CA GLY A 212 23.91 24.10 27.30
C GLY A 212 24.18 23.00 26.29
N LYS A 213 23.18 22.18 25.97
CA LYS A 213 23.39 21.12 24.98
C LYS A 213 23.34 21.68 23.56
N LEU A 214 22.59 22.76 23.38
CA LEU A 214 22.64 23.55 22.15
C LEU A 214 22.94 25.00 22.48
N LYS A 215 23.68 25.66 21.58
CA LYS A 215 24.00 27.08 21.73
C LYS A 215 22.78 27.98 21.44
N GLY A 216 21.82 27.47 20.68
CA GLY A 216 20.62 28.20 20.32
C GLY A 216 20.07 27.78 18.97
N VAL A 217 18.87 28.26 18.63
CA VAL A 217 18.20 27.90 17.38
C VAL A 217 19.05 28.11 16.10
N ARG A 218 18.96 27.15 15.17
CA ARG A 218 19.65 27.28 13.89
C ARG A 218 18.75 28.03 12.94
N ALA A 219 19.29 29.07 12.33
CA ALA A 219 18.55 29.88 11.37
C ALA A 219 18.04 29.06 10.18
N ASP A 220 18.88 28.14 9.73
CA ASP A 220 18.57 27.32 8.55
C ASP A 220 17.35 26.39 8.74
N TRP A 221 16.90 26.20 9.99
CA TRP A 221 15.74 25.33 10.24
C TRP A 221 14.42 25.91 9.72
N PHE A 222 14.40 27.22 9.46
CA PHE A 222 13.16 27.85 8.98
C PHE A 222 13.34 28.55 7.65
N HIS A 223 12.29 28.50 6.84
CA HIS A 223 12.22 29.26 5.60
C HIS A 223 12.08 30.73 5.94
N ASN A 224 12.24 31.59 4.93
CA ASN A 224 12.15 33.04 5.14
C ASN A 224 10.85 33.46 5.83
N ASP A 225 9.75 32.77 5.51
CA ASP A 225 8.46 33.09 6.13
C ASP A 225 8.29 32.43 7.51
N GLY A 226 9.36 31.84 8.03
CA GLY A 226 9.33 31.24 9.35
C GLY A 226 8.85 29.79 9.37
N SER A 227 8.38 29.28 8.23
CA SER A 227 7.89 27.92 8.15
C SER A 227 9.04 26.94 8.30
N TYR A 228 8.71 25.69 8.64
CA TYR A 228 9.71 24.65 8.87
C TYR A 228 10.41 24.23 7.57
N ASN A 229 11.73 24.30 7.53
CA ASN A 229 12.51 23.93 6.35
C ASN A 229 12.64 22.40 6.21
N ASN A 230 11.59 21.76 5.70
CA ASN A 230 11.65 20.33 5.52
C ASN A 230 12.35 19.93 4.22
N ARG A 231 12.99 20.88 3.54
CA ARG A 231 13.81 20.55 2.38
CA ARG A 231 13.82 20.57 2.38
C ARG A 231 15.15 19.96 2.83
N ASP A 232 15.65 20.42 3.97
CA ASP A 232 16.97 19.99 4.47
C ASP A 232 16.93 19.29 5.82
N PHE A 233 15.86 19.51 6.57
CA PHE A 233 15.73 18.97 7.90
C PHE A 233 14.59 17.97 7.93
N PRO A 234 14.63 17.04 8.89
CA PRO A 234 13.81 15.83 8.70
C PRO A 234 12.39 15.90 9.22
N ASN A 235 11.54 14.97 8.78
CA ASN A 235 10.33 14.63 9.51
C ASN A 235 10.67 13.62 10.64
N ALA A 236 10.33 13.96 11.88
CA ALA A 236 10.75 13.17 13.03
C ALA A 236 9.89 11.95 13.29
N ILE A 237 9.96 10.95 12.40
CA ILE A 237 9.27 9.67 12.60
C ILE A 237 10.13 8.47 12.21
N ASP A 238 9.55 7.27 12.35
CA ASP A 238 10.19 6.01 11.99
C ASP A 238 11.56 5.76 12.64
N PRO A 239 11.61 5.74 13.99
CA PRO A 239 12.95 5.55 14.57
C PRO A 239 13.45 4.11 14.49
N ASN A 240 14.76 3.97 14.50
CA ASN A 240 15.40 2.67 14.50
C ASN A 240 16.59 2.68 15.46
N LEU A 241 16.57 1.84 16.49
CA LEU A 241 17.69 1.83 17.44
C LEU A 241 18.62 0.65 17.14
N PHE A 242 19.91 0.91 17.04
CA PHE A 242 20.85 -0.15 16.69
C PHE A 242 22.16 0.01 17.43
N TYR A 243 22.80 -1.11 17.73
CA TYR A 243 24.10 -1.12 18.37
C TYR A 243 25.19 -1.18 17.29
N ASP A 244 26.31 -0.49 17.47
CA ASP A 244 27.40 -0.68 16.52
C ASP A 244 28.36 -1.75 17.03
N GLU A 245 29.51 -1.86 16.37
CA GLU A 245 30.48 -2.92 16.65
C GLU A 245 31.05 -2.88 18.08
N LYS A 246 31.08 -1.69 18.66
CA LYS A 246 31.63 -1.48 20.01
C LYS A 246 30.56 -1.53 21.09
N GLY A 247 29.30 -1.70 20.67
CA GLY A 247 28.21 -1.71 21.63
C GLY A 247 27.68 -0.31 21.94
N ASN A 248 28.17 0.70 21.23
CA ASN A 248 27.55 2.01 21.33
C ASN A 248 26.16 1.96 20.71
N LEU A 249 25.25 2.80 21.20
CA LEU A 249 23.86 2.80 20.75
C LEU A 249 23.57 4.01 19.87
N TRP A 250 22.76 3.80 18.84
CA TRP A 250 22.43 4.82 17.85
C TRP A 250 20.98 4.87 17.48
N MET A 251 20.49 6.03 17.09
CA MET A 251 19.12 6.11 16.58
C MET A 251 19.06 6.81 15.23
N ALA A 252 18.68 6.03 14.22
CA ALA A 252 18.38 6.59 12.90
C ALA A 252 16.89 6.84 12.77
N TYR A 253 16.53 7.89 12.06
CA TYR A 253 15.12 8.20 11.91
C TYR A 253 14.94 9.08 10.71
N GLY A 254 13.68 9.34 10.33
CA GLY A 254 13.40 10.15 9.17
C GLY A 254 12.34 9.55 8.24
N SER A 255 11.76 10.42 7.41
CA SER A 255 10.75 10.05 6.42
C SER A 255 10.50 11.17 5.45
N TRP A 256 10.96 11.00 4.23
CA TRP A 256 10.84 12.03 3.19
C TRP A 256 11.52 13.29 3.70
N SER A 257 11.00 14.44 3.30
CA SER A 257 11.53 15.74 3.72
C SER A 257 13.04 15.80 3.56
N GLY A 258 13.73 16.28 4.59
CA GLY A 258 15.18 16.46 4.50
C GLY A 258 15.94 15.16 4.57
N GLY A 259 15.24 14.06 4.83
CA GLY A 259 15.83 12.74 4.76
C GLY A 259 16.11 12.06 6.11
N ILE A 260 17.12 11.19 6.11
CA ILE A 260 17.37 10.32 7.24
C ILE A 260 18.57 10.76 8.06
N PHE A 261 18.39 10.85 9.38
CA PHE A 261 19.45 11.34 10.25
C PHE A 261 19.82 10.31 11.31
N VAL A 262 21.03 10.43 11.89
CA VAL A 262 21.40 9.49 12.92
C VAL A 262 22.01 10.21 14.14
N LEU A 263 21.55 9.83 15.34
CA LEU A 263 22.01 10.41 16.60
C LEU A 263 22.67 9.38 17.55
N PRO A 264 23.80 9.74 18.17
CA PRO A 264 24.31 8.82 19.20
C PRO A 264 23.38 8.85 20.41
N MET A 265 23.21 7.73 21.12
CA MET A 265 22.22 7.68 22.21
C MET A 265 22.87 7.31 23.55
N ASP A 266 22.41 7.93 24.64
CA ASP A 266 22.90 7.61 25.98
C ASP A 266 22.27 6.30 26.45
N LYS A 267 23.09 5.29 26.71
CA LYS A 267 22.57 3.95 27.01
C LYS A 267 21.92 3.88 28.40
N THR A 268 22.35 4.76 29.29
CA THR A 268 21.85 4.75 30.65
C THR A 268 20.46 5.36 30.74
N THR A 269 20.23 6.39 29.95
CA THR A 269 18.99 7.16 30.02
C THR A 269 18.11 7.02 28.77
N GLY A 270 18.72 6.74 27.64
CA GLY A 270 17.98 6.59 26.39
C GLY A 270 17.77 7.89 25.63
N LYS A 271 18.44 8.95 26.08
CA LYS A 271 18.33 10.28 25.48
C LYS A 271 19.45 10.51 24.50
N PRO A 272 19.16 11.25 23.42
CA PRO A 272 20.17 11.53 22.39
C PRO A 272 21.34 12.32 22.95
N ILE A 273 22.52 12.08 22.42
CA ILE A 273 23.65 12.94 22.71
C ILE A 273 23.81 13.90 21.52
N TYR A 274 23.06 14.99 21.58
CA TYR A 274 23.00 15.95 20.49
C TYR A 274 24.39 16.48 20.13
N PRO A 275 24.68 16.57 18.83
CA PRO A 275 25.99 17.08 18.39
C PRO A 275 26.32 18.45 18.97
N GLY A 276 25.30 19.26 19.25
CA GLY A 276 25.47 20.54 19.92
C GLY A 276 26.03 21.64 19.04
N LYS A 277 26.65 21.25 17.94
CA LYS A 277 27.28 22.18 17.00
C LYS A 277 27.13 21.66 15.56
N ASP A 278 26.86 22.55 14.61
CA ASP A 278 26.76 22.19 13.19
C ASP A 278 28.10 21.88 12.58
N GLY A 279 28.06 21.19 11.44
CA GLY A 279 29.28 20.86 10.74
C GLY A 279 29.02 20.11 9.46
N LYS A 280 30.05 19.44 8.97
CA LYS A 280 29.89 18.52 7.88
C LYS A 280 30.72 17.32 8.26
N THR A 281 30.43 16.17 7.66
CA THR A 281 31.23 14.98 7.88
C THR A 281 32.42 15.11 6.99
N PRO A 282 33.51 14.39 7.30
CA PRO A 282 34.69 14.39 6.44
C PRO A 282 34.35 14.38 4.94
N ASP A 283 33.36 13.56 4.57
CA ASP A 283 33.00 13.41 3.16
C ASP A 283 31.93 14.39 2.68
N GLY A 284 31.49 15.30 3.54
CA GLY A 284 30.68 16.42 3.10
C GLY A 284 29.20 16.43 3.44
N ARG A 285 28.74 15.45 4.20
CA ARG A 285 27.32 15.36 4.54
C ARG A 285 26.95 16.30 5.68
N LEU A 286 25.72 16.79 5.66
CA LEU A 286 25.25 17.68 6.71
C LEU A 286 25.31 17.06 8.10
N VAL A 287 25.82 17.84 9.04
CA VAL A 287 25.67 17.56 10.47
C VAL A 287 24.91 18.73 11.08
N ASP A 288 23.94 18.44 11.94
CA ASP A 288 23.15 19.48 12.57
C ASP A 288 23.28 19.38 14.07
N ARG A 289 23.23 20.53 14.75
CA ARG A 289 23.45 20.58 16.21
C ARG A 289 22.43 19.72 16.95
N TYR A 290 21.24 19.58 16.36
CA TYR A 290 20.10 18.95 17.00
C TYR A 290 19.69 17.61 16.38
N PHE A 291 19.48 17.62 15.06
CA PHE A 291 18.89 16.47 14.39
C PHE A 291 19.90 15.37 14.13
N GLY A 292 21.19 15.71 14.11
CA GLY A 292 22.25 14.72 13.99
C GLY A 292 22.98 14.74 12.65
N ILE A 293 23.35 13.54 12.18
CA ILE A 293 24.12 13.38 10.96
C ILE A 293 23.21 12.83 9.85
N LYS A 294 23.27 13.43 8.66
CA LYS A 294 22.41 12.96 7.58
C LYS A 294 23.04 11.74 6.92
N ILE A 295 22.29 10.65 6.81
CA ILE A 295 22.86 9.45 6.21
C ILE A 295 22.16 9.00 4.91
N ALA A 296 20.95 9.49 4.66
CA ALA A 296 20.28 9.19 3.38
C ALA A 296 19.22 10.22 3.03
N GLY A 297 18.73 10.17 1.79
CA GLY A 297 17.58 10.97 1.37
C GLY A 297 17.91 12.41 1.08
N GLY A 298 16.90 13.27 1.12
CA GLY A 298 17.07 14.69 0.96
C GLY A 298 16.13 15.32 -0.05
N TYR A 299 15.93 16.63 0.08
CA TYR A 299 15.35 17.42 -1.00
C TYR A 299 13.95 16.96 -1.35
N TYR A 300 13.19 16.62 -0.30
CA TYR A 300 11.77 16.21 -0.38
C TYR A 300 11.50 14.79 -0.88
N GLN A 301 12.54 14.08 -1.33
CA GLN A 301 12.32 12.77 -2.00
C GLN A 301 11.99 11.65 -1.01
N SER A 302 11.32 10.61 -1.50
CA SER A 302 10.81 9.55 -0.63
C SER A 302 11.94 8.78 0.07
N GLY A 303 11.58 7.93 1.01
CA GLY A 303 12.58 7.28 1.84
C GLY A 303 12.20 7.32 3.31
N GLU A 304 11.66 6.22 3.83
CA GLU A 304 11.30 6.10 5.24
C GLU A 304 11.58 4.69 5.77
N GLY A 305 11.22 4.42 7.03
CA GLY A 305 11.37 3.10 7.59
C GLY A 305 12.82 2.61 7.63
N THR A 306 13.71 3.48 8.07
CA THR A 306 15.11 3.13 8.14
C THR A 306 15.32 1.93 9.04
N TYR A 307 16.18 1.01 8.61
CA TYR A 307 16.61 -0.08 9.49
C TYR A 307 18.07 -0.33 9.24
N ILE A 308 18.87 -0.33 10.30
CA ILE A 308 20.31 -0.50 10.16
C ILE A 308 20.81 -1.67 11.00
N VAL A 309 21.65 -2.49 10.38
CA VAL A 309 22.15 -3.74 10.94
C VAL A 309 23.65 -3.77 10.88
N TYR A 310 24.31 -4.02 12.00
CA TYR A 310 25.75 -4.26 11.94
C TYR A 310 26.02 -5.76 11.85
N ASP A 311 26.81 -6.16 10.85
CA ASP A 311 27.10 -7.56 10.60
C ASP A 311 28.58 -7.86 10.85
N LYS A 312 28.88 -8.45 12.01
CA LYS A 312 30.27 -8.71 12.39
C LYS A 312 30.97 -9.65 11.42
N ASN A 313 30.21 -10.38 10.61
CA ASN A 313 30.84 -11.36 9.75
C ASN A 313 31.42 -10.76 8.48
N THR A 314 30.98 -9.55 8.12
CA THR A 314 31.55 -8.84 6.96
C THR A 314 32.06 -7.46 7.34
N ASP A 315 31.76 -7.05 8.57
CA ASP A 315 32.22 -5.77 9.10
C ASP A 315 31.57 -4.59 8.36
N TYR A 316 30.35 -4.77 7.90
CA TYR A 316 29.60 -3.67 7.28
C TYR A 316 28.39 -3.33 8.11
N TYR A 317 27.99 -2.05 8.05
CA TYR A 317 26.70 -1.62 8.53
C TYR A 317 25.75 -1.58 7.31
N TYR A 318 24.66 -2.32 7.37
CA TYR A 318 23.73 -2.38 6.23
C TYR A 318 22.53 -1.52 6.51
N LEU A 319 22.27 -0.61 5.59
CA LEU A 319 21.17 0.33 5.70
C LEU A 319 20.02 -0.04 4.78
N TYR A 320 18.84 -0.23 5.35
CA TYR A 320 17.64 -0.49 4.57
C TYR A 320 16.68 0.68 4.74
N VAL A 321 16.08 1.07 3.64
CA VAL A 321 15.10 2.17 3.62
C VAL A 321 14.11 1.83 2.51
N THR A 322 12.90 2.38 2.60
CA THR A 322 11.83 2.15 1.62
C THR A 322 11.48 3.42 0.82
N TYR A 323 11.51 3.32 -0.50
CA TYR A 323 11.14 4.42 -1.37
C TYR A 323 9.66 4.38 -1.68
N GLY A 324 9.15 5.44 -2.30
CA GLY A 324 7.76 5.52 -2.74
C GLY A 324 6.75 5.61 -1.61
N TRP A 325 5.48 5.42 -1.94
CA TRP A 325 4.40 5.62 -0.96
C TRP A 325 3.71 4.29 -0.64
N LEU A 326 3.18 4.16 0.57
CA LEU A 326 2.72 2.85 1.07
C LEU A 326 1.49 2.32 0.37
N GLY A 327 0.65 3.20 -0.18
CA GLY A 327 -0.59 2.75 -0.79
C GLY A 327 -0.35 1.79 -1.94
N ALA A 328 -1.42 1.08 -2.36
CA ALA A 328 -1.34 0.13 -3.47
C ALA A 328 -0.94 0.80 -4.79
N ASP A 329 -1.18 2.10 -4.87
CA ASP A 329 -0.77 2.89 -6.03
C ASP A 329 0.63 3.52 -5.85
N GLY A 330 1.24 3.34 -4.68
CA GLY A 330 2.44 4.10 -4.34
C GLY A 330 3.82 3.58 -4.73
N GLY A 331 3.94 2.33 -5.16
CA GLY A 331 5.25 1.81 -5.54
C GLY A 331 6.28 1.72 -4.41
N TYR A 332 5.80 1.42 -3.21
CA TYR A 332 6.66 1.11 -2.05
C TYR A 332 7.68 0.04 -2.44
N ASN A 333 8.98 0.20 -2.08
CA ASN A 333 9.98 -0.70 -2.67
C ASN A 333 11.18 -0.58 -1.76
N MET A 334 11.82 -1.69 -1.41
CA MET A 334 12.90 -1.67 -0.42
C MET A 334 14.28 -1.51 -1.08
N ARG A 335 15.09 -0.67 -0.43
CA ARG A 335 16.40 -0.23 -0.91
C ARG A 335 17.48 -0.60 0.11
N GLN A 336 18.67 -0.91 -0.37
CA GLN A 336 19.73 -1.42 0.51
C GLN A 336 21.05 -0.72 0.21
N PHE A 337 21.74 -0.32 1.27
CA PHE A 337 23.03 0.34 1.16
C PHE A 337 23.96 -0.28 2.21
N ARG A 338 25.22 0.17 2.26
CA ARG A 338 26.10 -0.29 3.32
C ARG A 338 27.20 0.74 3.61
N SER A 339 27.73 0.67 4.83
CA SER A 339 28.86 1.50 5.26
C SER A 339 29.81 0.72 6.19
N THR A 340 31.06 1.15 6.25
CA THR A 340 32.02 0.61 7.21
C THR A 340 31.87 1.31 8.56
N SER A 341 31.07 2.37 8.59
CA SER A 341 30.86 3.10 9.83
C SER A 341 29.37 3.34 10.12
N PRO A 342 29.00 3.44 11.42
CA PRO A 342 27.56 3.54 11.74
C PRO A 342 26.94 4.84 11.26
N THR A 343 27.75 5.89 11.12
CA THR A 343 27.23 7.17 10.68
C THR A 343 27.57 7.50 9.22
N GLY A 344 27.84 6.50 8.40
CA GLY A 344 28.03 6.75 6.99
C GLY A 344 29.48 6.95 6.59
N PRO A 345 29.74 7.17 5.30
CA PRO A 345 28.78 7.28 4.21
C PRO A 345 28.18 5.92 3.82
N TYR A 346 26.87 5.85 3.69
CA TYR A 346 26.24 4.65 3.18
C TYR A 346 26.19 4.70 1.67
N VAL A 347 26.66 3.64 1.02
CA VAL A 347 26.65 3.59 -0.45
C VAL A 347 26.04 2.27 -0.94
N ASP A 348 25.63 2.24 -2.21
CA ASP A 348 25.01 1.04 -2.77
C ASP A 348 26.07 0.26 -3.56
N ALA A 349 25.62 -0.76 -4.28
CA ALA A 349 26.51 -1.62 -5.05
C ALA A 349 27.26 -0.88 -6.15
N LYS A 350 26.66 0.17 -6.69
CA LYS A 350 27.32 1.05 -7.66
C LYS A 350 28.26 2.05 -7.00
N GLY A 351 28.29 2.05 -5.66
CA GLY A 351 29.16 2.95 -4.93
C GLY A 351 28.60 4.36 -4.82
N GLN A 352 27.31 4.51 -5.10
CA GLN A 352 26.63 5.79 -5.02
C GLN A 352 26.09 6.06 -3.63
N SER A 353 26.09 7.32 -3.27
CA SER A 353 25.68 7.78 -1.96
C SER A 353 24.17 7.63 -1.71
N ALA A 354 23.78 7.21 -0.51
CA ALA A 354 22.37 7.21 -0.10
C ALA A 354 21.79 8.62 0.00
N VAL A 355 22.67 9.59 0.22
CA VAL A 355 22.30 10.99 0.33
C VAL A 355 22.27 11.60 -1.06
N LEU A 356 21.12 12.15 -1.44
CA LEU A 356 20.90 12.66 -2.80
C LEU A 356 21.61 13.99 -3.02
N PRO A 357 22.16 14.19 -4.22
CA PRO A 357 22.88 15.43 -4.57
C PRO A 357 21.93 16.62 -4.67
N GLY A 358 20.64 16.37 -4.84
CA GLY A 358 19.70 17.46 -4.95
C GLY A 358 18.30 16.94 -5.12
N GLU A 359 17.36 17.82 -5.44
CA GLU A 359 15.98 17.43 -5.68
C GLU A 359 15.87 16.65 -7.00
N VAL A 360 16.28 15.38 -6.97
CA VAL A 360 16.22 14.52 -8.15
C VAL A 360 15.50 13.20 -7.86
N ASP A 361 15.29 12.43 -8.92
CA ASP A 361 14.64 11.13 -8.81
C ASP A 361 15.55 10.18 -8.05
N ASN A 362 15.05 9.54 -7.00
CA ASN A 362 15.94 8.69 -6.19
C ASN A 362 16.06 7.26 -6.68
N SER A 363 15.34 6.90 -7.76
CA SER A 363 15.39 5.53 -8.37
C SER A 363 16.78 4.93 -8.63
N PRO A 364 17.74 5.75 -9.12
CA PRO A 364 19.08 5.18 -9.32
C PRO A 364 19.81 4.77 -8.04
N TYR A 365 19.36 5.22 -6.87
CA TYR A 365 20.16 5.09 -5.64
C TYR A 365 19.64 4.00 -4.71
N GLY A 366 20.51 3.06 -4.38
CA GLY A 366 20.16 1.95 -3.51
C GLY A 366 19.86 0.70 -4.29
N ASN A 367 20.30 -0.43 -3.78
CA ASN A 367 19.99 -1.71 -4.39
C ASN A 367 18.51 -1.92 -4.19
N LYS A 368 17.73 -1.94 -5.27
CA LYS A 368 16.30 -2.20 -5.10
C LYS A 368 16.14 -3.68 -4.90
N ILE A 369 15.93 -4.09 -3.65
CA ILE A 369 15.89 -5.52 -3.32
C ILE A 369 14.48 -6.14 -3.38
N MET A 370 13.43 -5.31 -3.43
CA MET A 370 12.08 -5.83 -3.71
C MET A 370 11.10 -4.72 -4.03
N GLY A 371 10.37 -4.89 -5.12
CA GLY A 371 9.27 -4.00 -5.47
C GLY A 371 8.03 -4.79 -5.84
N ASN A 372 7.18 -4.25 -6.71
CA ASN A 372 5.96 -4.95 -7.10
C ASN A 372 6.29 -6.12 -8.04
N PHE A 373 5.72 -7.28 -7.81
CA PHE A 373 6.06 -8.45 -8.66
C PHE A 373 4.94 -9.49 -8.66
N LEU A 374 4.95 -10.38 -9.64
CA LEU A 374 3.98 -11.45 -9.65
C LEU A 374 4.55 -12.62 -10.41
N PHE A 375 4.68 -13.75 -9.74
CA PHE A 375 4.91 -15.00 -10.47
C PHE A 375 3.53 -15.43 -10.93
N GLU A 376 3.18 -14.97 -12.12
CA GLU A 376 1.86 -15.21 -12.65
C GLU A 376 1.62 -16.69 -12.96
N ARG A 377 0.45 -17.20 -12.56
CA ARG A 377 0.02 -18.54 -12.95
C ARG A 377 -0.68 -18.37 -14.28
N LYS A 378 0.04 -18.67 -15.34
CA LYS A 378 -0.51 -18.62 -16.68
C LYS A 378 -1.35 -19.88 -16.90
N VAL A 379 -2.17 -19.90 -17.95
CA VAL A 379 -3.01 -21.08 -18.22
C VAL A 379 -2.15 -22.35 -18.33
N GLY A 380 -2.48 -23.37 -17.55
CA GLY A 380 -1.76 -24.62 -17.63
C GLY A 380 -0.69 -24.76 -16.57
N ASP A 381 -0.37 -23.65 -15.90
CA ASP A 381 0.51 -23.70 -14.74
C ASP A 381 -0.21 -24.37 -13.59
N PRO A 382 0.48 -25.26 -12.87
CA PRO A 382 -0.21 -25.97 -11.78
C PRO A 382 -0.74 -25.04 -10.68
N GLY A 383 -1.77 -25.49 -9.98
CA GLY A 383 -2.37 -24.68 -8.92
C GLY A 383 -3.55 -23.84 -9.37
N THR A 384 -4.01 -22.98 -8.47
CA THR A 384 -5.13 -22.09 -8.75
C THR A 384 -4.80 -20.64 -8.38
N GLY A 385 -5.63 -19.71 -8.87
CA GLY A 385 -5.43 -18.30 -8.59
C GLY A 385 -4.49 -17.63 -9.59
N ILE A 386 -4.19 -16.36 -9.33
CA ILE A 386 -3.37 -15.56 -10.24
C ILE A 386 -1.86 -15.74 -10.01
N GLY A 387 -1.49 -16.48 -8.96
CA GLY A 387 -0.10 -16.63 -8.57
C GLY A 387 0.29 -15.82 -7.35
N VAL A 388 1.54 -15.94 -6.92
CA VAL A 388 2.04 -15.21 -5.76
C VAL A 388 2.77 -13.94 -6.18
N GLY A 389 2.28 -12.81 -5.68
CA GLY A 389 2.88 -11.53 -5.98
C GLY A 389 2.68 -10.54 -4.83
N TYR A 390 3.42 -9.44 -4.82
CA TYR A 390 3.26 -8.44 -3.77
C TYR A 390 3.04 -7.09 -4.43
N VAL A 391 2.30 -6.24 -3.74
CA VAL A 391 2.17 -4.85 -4.13
C VAL A 391 2.63 -3.99 -2.96
N SER A 392 3.43 -2.99 -3.26
CA SER A 392 3.99 -2.06 -2.27
C SER A 392 4.55 -2.76 -1.03
N PRO A 393 5.50 -3.69 -1.21
CA PRO A 393 6.12 -4.30 -0.03
C PRO A 393 7.12 -3.36 0.63
N GLY A 394 7.08 -3.17 1.95
CA GLY A 394 8.11 -2.33 2.54
C GLY A 394 7.98 -2.00 4.02
N HIS A 395 8.62 -0.91 4.40
CA HIS A 395 8.99 -0.60 5.77
C HIS A 395 9.43 -1.85 6.51
N ASN A 396 10.71 -2.19 6.40
CA ASN A 396 11.18 -3.46 6.91
C ASN A 396 11.97 -3.39 8.20
N SER A 397 12.07 -4.51 8.91
CA SER A 397 13.17 -4.72 9.86
C SER A 397 13.97 -5.94 9.42
N VAL A 398 14.98 -6.30 10.21
CA VAL A 398 15.91 -7.38 9.85
C VAL A 398 16.24 -8.12 11.12
N TYR A 399 16.10 -9.44 11.11
CA TYR A 399 16.58 -10.18 12.26
C TYR A 399 17.81 -10.93 11.82
N LEU A 400 18.90 -10.63 12.51
CA LEU A 400 20.19 -11.24 12.24
C LEU A 400 20.52 -12.13 13.43
N ASP A 401 20.73 -13.41 13.17
CA ASP A 401 20.95 -14.34 14.26
C ASP A 401 22.42 -14.37 14.65
N ARG A 402 22.73 -13.87 15.85
CA ARG A 402 24.09 -13.78 16.35
C ARG A 402 24.76 -15.16 16.35
N LYS A 403 23.94 -16.21 16.40
CA LYS A 403 24.43 -17.58 16.44
C LYS A 403 24.62 -18.20 15.06
N THR A 404 23.52 -18.61 14.44
CA THR A 404 23.57 -19.33 13.17
C THR A 404 23.90 -18.44 11.96
N GLY A 405 24.04 -17.14 12.17
CA GLY A 405 24.29 -16.24 11.06
C GLY A 405 23.13 -16.11 10.09
N GLN A 406 22.02 -16.79 10.37
CA GLN A 406 20.83 -16.66 9.54
C GLN A 406 20.27 -15.27 9.67
N GLN A 407 19.71 -14.80 8.56
CA GLN A 407 19.16 -13.45 8.50
C GLN A 407 17.77 -13.43 7.84
N PHE A 408 16.86 -12.62 8.39
CA PHE A 408 15.50 -12.50 7.88
C PHE A 408 15.06 -11.06 7.65
N LEU A 409 14.52 -10.81 6.45
CA LEU A 409 13.90 -9.54 6.12
C LEU A 409 12.43 -9.60 6.55
N VAL A 410 12.00 -8.66 7.39
CA VAL A 410 10.62 -8.67 7.90
C VAL A 410 9.92 -7.38 7.49
N PHE A 411 8.76 -7.49 6.85
CA PHE A 411 8.09 -6.31 6.33
C PHE A 411 6.58 -6.56 6.19
N HIS A 412 5.84 -5.53 5.82
CA HIS A 412 4.43 -5.70 5.46
C HIS A 412 4.31 -5.51 3.97
N THR A 413 3.25 -6.06 3.38
CA THR A 413 2.98 -5.83 1.96
C THR A 413 1.49 -5.86 1.65
N ARG A 414 1.11 -5.17 0.58
CA ARG A 414 -0.20 -5.37 -0.02
C ARG A 414 -0.10 -6.45 -1.10
N PHE A 415 -1.21 -6.72 -1.79
CA PHE A 415 -1.29 -7.86 -2.73
C PHE A 415 -2.07 -7.45 -3.97
N PRO A 416 -1.73 -8.05 -5.12
CA PRO A 416 -2.47 -7.74 -6.35
C PRO A 416 -3.97 -7.99 -6.16
N GLN A 417 -4.80 -7.02 -6.56
CA GLN A 417 -6.25 -7.21 -6.54
C GLN A 417 -6.83 -7.31 -5.14
N SER A 418 -6.08 -6.89 -4.12
CA SER A 418 -6.60 -6.93 -2.76
C SER A 418 -6.78 -5.56 -2.15
N GLY A 419 -6.49 -4.49 -2.89
CA GLY A 419 -6.66 -3.16 -2.36
C GLY A 419 -5.62 -2.76 -1.33
N GLU A 420 -6.06 -2.14 -0.24
CA GLU A 420 -5.15 -1.68 0.81
C GLU A 420 -4.94 -2.74 1.87
N TYR A 421 -5.44 -3.94 1.64
CA TYR A 421 -5.29 -4.99 2.63
C TYR A 421 -3.83 -5.40 2.72
N HIS A 422 -3.28 -5.47 3.92
CA HIS A 422 -1.87 -5.86 4.08
C HIS A 422 -1.62 -6.96 5.10
N GLU A 423 -0.51 -7.68 4.93
CA GLU A 423 -0.07 -8.74 5.83
C GLU A 423 1.42 -8.66 6.02
N VAL A 424 1.92 -9.31 7.07
CA VAL A 424 3.35 -9.41 7.32
C VAL A 424 3.94 -10.54 6.50
N ARG A 425 5.13 -10.30 5.95
CA ARG A 425 5.89 -11.35 5.28
C ARG A 425 7.32 -11.35 5.79
N VAL A 426 7.92 -12.53 5.77
CA VAL A 426 9.29 -12.76 6.19
C VAL A 426 10.04 -13.47 5.06
N HIS A 427 11.09 -12.86 4.54
CA HIS A 427 11.96 -13.53 3.56
C HIS A 427 13.35 -13.70 4.10
N GLN A 428 13.90 -14.90 3.95
CA GLN A 428 15.28 -15.09 4.39
C GLN A 428 16.23 -14.33 3.48
N MET A 429 17.39 -13.91 4.02
CA MET A 429 18.44 -13.28 3.22
C MET A 429 19.74 -14.08 3.35
N PHE A 430 20.57 -14.04 2.31
CA PHE A 430 21.80 -14.81 2.24
C PHE A 430 22.95 -13.96 1.75
N MET A 431 24.09 -14.03 2.43
CA MET A 431 25.23 -13.20 2.10
C MET A 431 25.85 -13.65 0.79
N ASN A 432 25.96 -12.75 -0.18
CA ASN A 432 26.54 -13.16 -1.43
C ASN A 432 28.05 -12.94 -1.39
N LYS A 433 28.76 -13.32 -2.44
CA LYS A 433 30.23 -13.28 -2.39
C LYS A 433 30.76 -11.86 -2.34
N ASN A 434 29.95 -10.87 -2.76
CA ASN A 434 30.41 -9.48 -2.78
C ASN A 434 30.11 -8.73 -1.47
N GLY A 435 29.68 -9.47 -0.46
CA GLY A 435 29.32 -8.87 0.81
C GLY A 435 27.94 -8.21 0.86
N TRP A 436 27.02 -8.62 -0.03
CA TRP A 436 25.63 -8.11 -0.03
C TRP A 436 24.63 -9.21 0.31
N PRO A 437 23.78 -9.00 1.33
CA PRO A 437 22.75 -10.01 1.57
C PRO A 437 21.73 -10.01 0.45
N VAL A 438 21.38 -11.17 -0.12
CA VAL A 438 20.37 -11.22 -1.16
C VAL A 438 19.07 -11.84 -0.63
N VAL A 439 17.94 -11.32 -1.10
CA VAL A 439 16.61 -11.72 -0.62
C VAL A 439 15.99 -12.94 -1.36
N ALA A 440 15.68 -13.98 -0.60
CA ALA A 440 14.95 -15.12 -1.13
C ALA A 440 13.66 -14.68 -1.85
N PRO A 441 13.34 -15.29 -3.01
CA PRO A 441 12.16 -14.99 -3.84
C PRO A 441 10.83 -15.35 -3.15
N TYR A 442 10.82 -16.39 -2.32
CA TYR A 442 9.59 -16.79 -1.63
C TYR A 442 9.69 -16.54 -0.13
N ARG A 443 8.54 -16.38 0.52
CA ARG A 443 8.49 -16.22 1.96
C ARG A 443 9.13 -17.42 2.67
N TYR A 444 9.64 -17.18 3.87
CA TYR A 444 10.39 -18.20 4.61
C TYR A 444 9.47 -19.35 5.02
N ALA A 445 9.88 -20.57 4.71
CA ALA A 445 9.05 -21.72 5.09
C ALA A 445 9.85 -22.77 5.86
N GLY A 446 11.07 -22.42 6.24
CA GLY A 446 11.89 -23.29 7.07
C GLY A 446 13.16 -23.69 6.37
N GLU A 447 13.34 -23.26 5.12
CA GLU A 447 14.50 -23.71 4.35
C GLU A 447 15.83 -23.18 4.90
N LYS A 448 16.91 -23.82 4.49
CA LYS A 448 18.25 -23.33 4.78
C LYS A 448 19.12 -23.63 3.57
N LEU A 449 20.27 -22.97 3.50
CA LEU A 449 21.26 -23.25 2.46
C LEU A 449 21.76 -24.70 2.54
N GLU A 450 21.85 -25.38 1.40
CA GLU A 450 22.33 -26.75 1.40
C GLU A 450 23.31 -26.90 0.25
N LYS A 451 24.01 -28.03 0.23
CA LYS A 451 24.81 -28.41 -0.93
C LYS A 451 23.88 -28.67 -2.11
N VAL A 452 24.15 -28.04 -3.24
CA VAL A 452 23.25 -28.18 -4.37
C VAL A 452 24.00 -28.87 -5.51
N ASN A 453 23.35 -29.84 -6.14
CA ASN A 453 23.94 -30.53 -7.27
C ASN A 453 23.55 -29.85 -8.58
N LYS A 454 24.46 -29.84 -9.54
CA LYS A 454 24.20 -29.25 -10.86
C LYS A 454 22.96 -29.87 -11.52
N GLN A 455 22.74 -31.15 -11.25
CA GLN A 455 21.59 -31.88 -11.80
C GLN A 455 20.27 -31.25 -11.37
N ASP A 456 20.24 -30.72 -10.15
CA ASP A 456 19.03 -30.11 -9.60
C ASP A 456 18.86 -28.64 -9.95
N VAL A 457 19.89 -28.07 -10.56
CA VAL A 457 19.85 -26.68 -11.03
C VAL A 457 19.34 -26.57 -12.46
N VAL A 458 19.79 -27.49 -13.32
CA VAL A 458 19.57 -27.40 -14.77
C VAL A 458 18.10 -27.49 -15.14
N GLY A 459 17.65 -26.66 -16.07
CA GLY A 459 16.26 -26.71 -16.47
C GLY A 459 15.62 -25.36 -16.72
N GLU A 460 14.30 -25.34 -16.84
CA GLU A 460 13.59 -24.11 -17.14
C GLU A 460 13.23 -23.35 -15.85
N TYR A 461 13.30 -22.03 -15.92
CA TYR A 461 13.04 -21.14 -14.79
C TYR A 461 12.08 -20.07 -15.22
N GLN A 462 11.29 -19.58 -14.26
CA GLN A 462 10.67 -18.27 -14.43
C GLN A 462 11.58 -17.21 -13.81
N LEU A 463 11.71 -16.08 -14.48
CA LEU A 463 12.67 -15.10 -14.04
C LEU A 463 12.03 -13.74 -13.88
N ILE A 464 12.20 -13.15 -12.70
CA ILE A 464 11.71 -11.79 -12.44
C ILE A 464 12.90 -10.88 -12.20
N ASN A 465 12.89 -9.73 -12.86
CA ASN A 465 13.93 -8.72 -12.68
C ASN A 465 13.34 -7.46 -12.02
N HIS A 466 13.81 -7.10 -10.84
CA HIS A 466 13.17 -5.97 -10.16
C HIS A 466 13.54 -4.60 -10.71
N GLY A 467 14.63 -4.50 -11.47
CA GLY A 467 15.01 -3.22 -12.07
C GLY A 467 15.23 -2.15 -11.00
N LYS A 468 15.07 -0.88 -11.37
CA LYS A 468 15.33 0.28 -10.48
C LYS A 468 14.13 1.20 -10.37
N ASP A 469 13.37 1.26 -11.46
CA ASP A 469 12.16 2.05 -11.48
C ASP A 469 11.15 1.49 -10.48
N TYR A 470 10.20 2.34 -10.09
CA TYR A 470 9.10 1.90 -9.27
C TYR A 470 7.86 2.71 -9.56
N SER A 471 6.71 2.05 -9.46
CA SER A 471 5.40 2.69 -9.65
C SER A 471 4.32 1.69 -9.26
N ALA A 472 3.09 1.96 -9.63
CA ALA A 472 2.02 0.99 -9.41
C ALA A 472 2.18 -0.26 -10.31
N ASP A 473 3.04 -0.17 -11.32
CA ASP A 473 3.31 -1.31 -12.24
C ASP A 473 3.79 -2.55 -11.52
N ILE A 474 3.47 -3.71 -12.06
CA ILE A 474 3.87 -4.98 -11.46
C ILE A 474 4.79 -5.79 -12.41
N LYS A 475 5.96 -6.22 -11.93
CA LYS A 475 6.90 -6.99 -12.75
C LYS A 475 6.45 -8.44 -12.85
N LYS A 476 6.37 -8.98 -14.06
CA LYS A 476 6.04 -10.40 -14.26
C LYS A 476 7.23 -11.19 -14.76
N GLN A 477 7.14 -12.51 -14.77
CA GLN A 477 8.29 -13.34 -15.06
C GLN A 477 8.55 -13.42 -16.55
N ILE A 478 9.79 -13.77 -16.92
CA ILE A 478 10.09 -14.23 -18.26
C ILE A 478 10.53 -15.68 -18.12
N PHE A 479 10.80 -16.36 -19.24
CA PHE A 479 11.20 -17.78 -19.21
C PHE A 479 12.59 -18.03 -19.81
N VAL A 480 13.47 -18.64 -19.03
CA VAL A 480 14.81 -18.93 -19.47
C VAL A 480 15.17 -20.35 -19.09
N ARG A 481 16.21 -20.89 -19.71
CA ARG A 481 16.74 -22.21 -19.34
C ARG A 481 18.15 -22.08 -18.84
N LEU A 482 18.45 -22.69 -17.69
CA LEU A 482 19.83 -22.84 -17.29
C LEU A 482 20.31 -24.22 -17.81
N ASN A 483 21.16 -24.19 -18.85
CA ASN A 483 21.55 -25.40 -19.55
C ASN A 483 22.76 -26.12 -18.94
N ARG A 484 22.89 -27.40 -19.28
CA ARG A 484 23.93 -28.21 -18.70
C ARG A 484 25.30 -27.70 -19.15
N ASN A 485 25.36 -26.97 -20.27
CA ASN A 485 26.66 -26.47 -20.73
C ASN A 485 27.05 -25.10 -20.13
N ASN A 486 26.27 -24.65 -19.14
CA ASN A 486 26.48 -23.39 -18.39
C ASN A 486 26.12 -22.17 -19.23
N THR A 487 25.22 -22.38 -20.17
CA THR A 487 24.66 -21.27 -20.92
C THR A 487 23.26 -21.01 -20.39
N ILE A 488 22.75 -19.82 -20.68
CA ILE A 488 21.36 -19.48 -20.45
C ILE A 488 20.74 -19.20 -21.80
N SER A 489 19.55 -19.74 -22.04
CA SER A 489 18.81 -19.44 -23.27
C SER A 489 17.35 -19.22 -22.99
N GLY A 490 16.61 -18.85 -24.02
CA GLY A 490 15.19 -18.62 -23.88
C GLY A 490 14.91 -17.14 -24.08
N ASP A 491 14.20 -16.52 -23.14
CA ASP A 491 13.80 -15.13 -23.27
C ASP A 491 14.99 -14.18 -23.04
N ALA A 492 16.16 -14.76 -22.77
CA ALA A 492 17.38 -14.01 -22.55
C ALA A 492 18.56 -14.95 -22.67
N THR A 493 19.75 -14.42 -22.96
CA THR A 493 20.91 -15.28 -23.15
C THR A 493 22.10 -14.89 -22.24
N GLY A 494 22.94 -15.88 -21.95
CA GLY A 494 24.14 -15.68 -21.18
C GLY A 494 24.67 -16.94 -20.53
N THR A 495 25.15 -16.83 -19.30
CA THR A 495 25.77 -17.97 -18.64
C THR A 495 25.39 -18.08 -17.18
N TRP A 496 25.71 -19.21 -16.60
CA TRP A 496 25.55 -19.41 -15.18
C TRP A 496 26.65 -20.33 -14.65
N ARG A 497 27.00 -20.14 -13.39
CA ARG A 497 27.96 -21.00 -12.71
C ARG A 497 27.41 -21.22 -11.32
N LYS A 498 27.63 -22.41 -10.79
CA LYS A 498 27.44 -22.66 -9.38
C LYS A 498 28.82 -22.76 -8.76
N ILE A 499 29.08 -21.93 -7.75
CA ILE A 499 30.41 -21.91 -7.13
C ILE A 499 30.33 -22.42 -5.70
N GLY A 500 31.13 -23.43 -5.39
CA GLY A 500 31.02 -24.08 -4.09
C GLY A 500 29.68 -24.79 -3.92
N HIS A 501 29.25 -24.93 -2.68
CA HIS A 501 28.01 -25.61 -2.34
C HIS A 501 26.76 -25.05 -3.03
N ASN A 502 26.63 -23.71 -3.06
CA ASN A 502 25.38 -23.09 -3.56
C ASN A 502 25.44 -21.65 -4.05
N GLN A 503 26.61 -21.04 -4.10
CA GLN A 503 26.66 -19.68 -4.64
C GLN A 503 26.35 -19.70 -6.12
N ALA A 504 25.69 -18.65 -6.58
CA ALA A 504 25.31 -18.53 -7.97
C ALA A 504 25.96 -17.33 -8.63
N GLU A 505 26.34 -17.51 -9.89
CA GLU A 505 26.77 -16.41 -10.75
C GLU A 505 25.95 -16.51 -12.03
N ILE A 506 25.06 -15.54 -12.25
CA ILE A 506 24.20 -15.55 -13.42
C ILE A 506 24.50 -14.36 -14.29
N THR A 507 24.78 -14.60 -15.56
CA THR A 507 25.07 -13.52 -16.47
C THR A 507 24.04 -13.46 -17.59
N ILE A 508 23.25 -12.39 -17.58
CA ILE A 508 22.15 -12.21 -18.52
C ILE A 508 22.28 -10.90 -19.28
N ASP A 509 22.26 -10.99 -20.60
CA ASP A 509 22.25 -9.82 -21.46
C ASP A 509 23.31 -8.80 -21.06
N GLY A 510 24.49 -9.30 -20.71
CA GLY A 510 25.61 -8.45 -20.36
C GLY A 510 25.93 -8.35 -18.87
N GLU A 511 24.93 -8.55 -18.03
CA GLU A 511 25.07 -8.29 -16.59
C GLU A 511 25.30 -9.53 -15.75
N THR A 512 26.28 -9.46 -14.86
CA THR A 512 26.55 -10.54 -13.93
C THR A 512 25.87 -10.28 -12.58
N TYR A 513 25.03 -11.21 -12.15
CA TYR A 513 24.36 -11.12 -10.87
C TYR A 513 24.94 -12.17 -9.94
N ASP A 514 25.26 -11.78 -8.71
CA ASP A 514 25.77 -12.75 -7.74
C ASP A 514 24.83 -13.02 -6.58
N GLY A 515 24.61 -14.29 -6.29
CA GLY A 515 23.78 -14.67 -5.15
C GLY A 515 23.94 -16.13 -4.78
N VAL A 516 22.81 -16.79 -4.55
CA VAL A 516 22.78 -18.19 -4.13
C VAL A 516 21.67 -18.95 -4.87
N PHE A 517 21.84 -20.27 -4.97
CA PHE A 517 20.75 -21.21 -5.29
C PHE A 517 20.23 -21.71 -3.96
N VAL A 518 18.91 -21.81 -3.84
CA VAL A 518 18.33 -22.29 -2.60
C VAL A 518 16.93 -22.88 -2.90
N ARG A 519 16.59 -23.95 -2.20
CA ARG A 519 15.30 -24.61 -2.39
C ARG A 519 14.25 -23.87 -1.58
N GLN A 520 13.09 -23.62 -2.18
CA GLN A 520 12.05 -22.83 -1.54
C GLN A 520 10.65 -23.41 -1.77
N TRP A 521 9.74 -23.06 -0.88
CA TRP A 521 8.36 -23.50 -1.00
C TRP A 521 7.61 -22.58 -1.93
N ASP A 522 7.17 -23.10 -3.07
CA ASP A 522 6.30 -22.36 -3.98
C ASP A 522 4.85 -22.64 -3.58
N PRO A 523 4.10 -21.61 -3.18
CA PRO A 523 2.70 -21.81 -2.77
C PRO A 523 1.75 -22.11 -3.92
N THR A 524 2.19 -21.85 -5.14
CA THR A 524 1.30 -22.03 -6.26
C THR A 524 1.27 -23.49 -6.70
N SER A 525 2.41 -24.04 -7.09
CA SER A 525 2.48 -25.46 -7.43
C SER A 525 2.46 -26.35 -6.19
N LYS A 526 2.65 -25.74 -5.01
CA LYS A 526 2.65 -26.46 -3.75
C LYS A 526 3.72 -27.55 -3.71
N ARG A 527 4.92 -27.21 -4.18
CA ARG A 527 6.10 -28.05 -4.06
C ARG A 527 7.25 -27.18 -3.59
N TYR A 528 8.30 -27.81 -3.04
CA TYR A 528 9.60 -27.16 -2.85
C TYR A 528 10.31 -27.16 -4.20
N VAL A 529 10.73 -25.99 -4.68
CA VAL A 529 11.36 -25.86 -5.98
C VAL A 529 12.75 -25.27 -5.84
N MET A 530 13.66 -25.60 -6.75
CA MET A 530 14.95 -24.92 -6.78
C MET A 530 14.73 -23.45 -7.16
N ALA A 531 15.38 -22.54 -6.45
CA ALA A 531 15.24 -21.11 -6.75
C ALA A 531 16.58 -20.41 -6.68
N PHE A 532 16.64 -19.22 -7.24
CA PHE A 532 17.84 -18.43 -7.04
C PHE A 532 17.52 -16.95 -6.88
N THR A 533 18.40 -16.25 -6.18
CA THR A 533 18.33 -14.82 -6.06
C THR A 533 19.75 -14.27 -6.18
N ALA A 534 19.95 -13.24 -7.00
CA ALA A 534 21.29 -12.69 -7.24
C ALA A 534 21.23 -11.18 -7.53
N LEU A 535 22.32 -10.47 -7.27
CA LEU A 535 22.33 -9.00 -7.35
C LEU A 535 23.55 -8.53 -8.12
N SER A 536 23.38 -7.56 -9.02
CA SER A 536 24.52 -7.09 -9.79
C SER A 536 25.20 -5.91 -9.10
N ASN A 537 26.31 -5.47 -9.66
CA ASN A 537 26.97 -4.28 -9.18
CA ASN A 537 26.97 -4.28 -9.18
C ASN A 537 26.27 -3.04 -9.70
N GLU A 538 25.11 -3.24 -10.33
CA GLU A 538 24.23 -2.13 -10.66
C GLU A 538 23.19 -1.96 -9.55
N GLY A 539 23.25 -2.83 -8.55
CA GLY A 539 22.21 -2.81 -7.52
C GLY A 539 20.88 -3.35 -8.03
N VAL A 540 20.92 -4.17 -9.07
CA VAL A 540 19.68 -4.76 -9.64
C VAL A 540 19.55 -6.21 -9.19
N SER A 541 18.34 -6.60 -8.80
CA SER A 541 18.09 -7.95 -8.29
C SER A 541 17.28 -8.83 -9.25
N ILE A 542 17.76 -10.06 -9.52
CA ILE A 542 16.96 -11.03 -10.26
C ILE A 542 16.54 -12.21 -9.38
N TRP A 543 15.33 -12.71 -9.63
CA TRP A 543 14.82 -13.88 -8.94
C TRP A 543 14.48 -14.99 -9.96
N GLY A 544 14.85 -16.22 -9.64
CA GLY A 544 14.52 -17.36 -10.48
C GLY A 544 13.78 -18.44 -9.74
N SER A 545 12.81 -19.06 -10.39
CA SER A 545 12.02 -20.14 -9.79
C SER A 545 11.90 -21.30 -10.78
N LYS A 546 12.40 -22.49 -10.43
CA LYS A 546 12.50 -23.58 -11.40
C LYS A 546 11.16 -24.25 -11.68
N LEU A 547 10.90 -24.48 -12.98
CA LEU A 547 9.68 -25.17 -13.41
C LEU A 547 9.87 -26.69 -13.50
N ALA A 548 8.79 -27.43 -13.33
CA ALA A 548 8.82 -28.87 -13.55
C ALA A 548 9.23 -29.22 -15.00
N ASP A 549 10.02 -30.28 -15.16
CA ASP A 549 10.34 -30.74 -16.51
C ASP A 549 9.07 -31.24 -17.19
N LYS A 550 8.81 -30.78 -18.41
CA LYS A 550 7.63 -31.20 -19.17
C LYS A 550 7.89 -31.17 -20.68
N THR A 551 7.44 -32.20 -21.40
CA THR A 551 7.49 -32.19 -22.87
C THR A 551 6.48 -31.20 -23.41
N ASP A 552 6.62 -30.86 -24.69
CA ASP A 552 5.69 -29.94 -25.32
C ASP A 552 4.27 -30.50 -25.30
N GLU A 553 4.15 -31.81 -25.42
CA GLU A 553 2.81 -32.37 -25.44
C GLU A 553 2.18 -32.37 -24.06
N GLU A 554 2.99 -32.55 -23.03
CA GLU A 554 2.48 -32.46 -21.67
C GLU A 554 1.97 -31.04 -21.40
N ILE A 555 2.72 -30.04 -21.83
CA ILE A 555 2.36 -28.63 -21.62
C ILE A 555 1.03 -28.26 -22.30
N VAL A 556 0.91 -28.60 -23.58
CA VAL A 556 -0.30 -28.31 -24.35
C VAL A 556 -1.53 -29.00 -23.76
N GLU A 557 -1.33 -30.24 -23.31
CA GLU A 557 -2.36 -30.95 -22.57
C GLU A 557 -2.77 -30.25 -21.26
N ASP A 558 -1.79 -29.84 -20.45
CA ASP A 558 -2.04 -29.04 -19.26
C ASP A 558 -2.77 -27.76 -19.60
N VAL A 559 -2.36 -27.08 -20.66
CA VAL A 559 -3.02 -25.83 -21.01
C VAL A 559 -4.49 -26.06 -21.36
N ALA A 560 -4.75 -27.04 -22.22
CA ALA A 560 -6.11 -27.41 -22.61
C ALA A 560 -7.02 -27.67 -21.40
N SER A 561 -6.54 -28.48 -20.44
CA SER A 561 -7.31 -28.75 -19.21
C SER A 561 -7.61 -27.47 -18.41
N ASP A 562 -6.59 -26.65 -18.23
CA ASP A 562 -6.72 -25.46 -17.36
C ASP A 562 -7.53 -24.34 -18.01
N LEU A 563 -7.67 -24.39 -19.35
CA LEU A 563 -8.32 -23.30 -20.09
C LEU A 563 -9.81 -23.21 -19.83
N ASP A 564 -10.25 -22.06 -19.36
CA ASP A 564 -11.64 -21.95 -18.94
C ASP A 564 -12.16 -20.53 -19.08
N LEU A 565 -13.31 -20.37 -19.73
CA LEU A 565 -13.85 -19.03 -19.91
C LEU A 565 -14.85 -18.65 -18.82
N GLY A 566 -14.96 -19.48 -17.79
CA GLY A 566 -15.91 -19.22 -16.73
C GLY A 566 -17.29 -19.68 -17.18
N ASP A 567 -18.33 -19.19 -16.54
CA ASP A 567 -19.69 -19.57 -16.91
C ASP A 567 -20.04 -18.96 -18.27
N THR A 568 -20.16 -19.81 -19.28
CA THR A 568 -20.44 -19.32 -20.62
C THR A 568 -21.93 -19.42 -20.98
N ASP A 569 -22.76 -19.73 -20.00
CA ASP A 569 -24.18 -19.91 -20.24
C ASP A 569 -25.00 -18.65 -19.98
N HIS A 570 -24.38 -17.66 -19.35
CA HIS A 570 -25.09 -16.43 -19.00
C HIS A 570 -24.26 -15.20 -19.32
N VAL A 571 -23.62 -15.21 -20.48
CA VAL A 571 -22.69 -14.16 -20.85
C VAL A 571 -23.38 -12.81 -21.07
N VAL A 572 -22.97 -11.82 -20.28
CA VAL A 572 -23.55 -10.49 -20.37
C VAL A 572 -22.47 -9.45 -20.71
N SER A 573 -21.22 -9.89 -20.68
CA SER A 573 -20.08 -9.02 -20.97
C SER A 573 -19.11 -9.68 -21.93
N ASN A 574 -18.18 -8.90 -22.47
CA ASN A 574 -17.19 -9.47 -23.36
C ASN A 574 -16.32 -10.44 -22.62
N LEU A 575 -15.88 -11.47 -23.34
CA LEU A 575 -15.01 -12.50 -22.81
C LEU A 575 -13.57 -12.15 -23.08
N HIS A 576 -12.72 -12.31 -22.07
CA HIS A 576 -11.29 -12.28 -22.30
C HIS A 576 -10.80 -13.62 -22.81
N LEU A 577 -10.32 -13.66 -24.06
CA LEU A 577 -9.81 -14.89 -24.64
C LEU A 577 -8.29 -14.87 -24.64
N PRO A 578 -7.68 -15.62 -23.72
CA PRO A 578 -6.23 -15.65 -23.57
C PRO A 578 -5.55 -16.13 -24.85
N THR A 579 -4.52 -15.42 -25.29
CA THR A 579 -3.79 -15.80 -26.51
C THR A 579 -2.41 -16.35 -26.16
N GLU A 580 -2.19 -16.59 -24.86
CA GLU A 580 -0.96 -17.21 -24.40
C GLU A 580 -1.23 -18.11 -23.19
N GLY A 581 -0.57 -19.26 -23.16
CA GLY A 581 -0.52 -20.11 -21.98
C GLY A 581 0.90 -20.20 -21.43
N THR A 582 1.09 -20.96 -20.36
CA THR A 582 2.38 -21.02 -19.71
C THR A 582 3.49 -21.45 -20.69
N ARG A 583 4.71 -21.01 -20.39
CA ARG A 583 5.89 -21.27 -21.19
C ARG A 583 5.73 -20.95 -22.67
N HIS A 584 5.07 -19.84 -22.97
CA HIS A 584 4.89 -19.31 -24.34
C HIS A 584 4.10 -20.24 -25.27
N THR A 585 3.32 -21.13 -24.68
CA THR A 585 2.26 -21.79 -25.41
C THR A 585 1.39 -20.73 -26.07
N VAL A 586 1.06 -20.92 -27.33
CA VAL A 586 0.20 -19.99 -28.05
C VAL A 586 -1.23 -20.52 -28.11
N ILE A 587 -2.19 -19.62 -27.91
CA ILE A 587 -3.62 -19.93 -28.04
C ILE A 587 -4.26 -19.02 -29.06
N SER A 588 -4.92 -19.60 -30.04
CA SER A 588 -5.62 -18.83 -31.06
C SER A 588 -7.10 -19.20 -31.15
N TRP A 589 -7.97 -18.21 -31.37
CA TRP A 589 -9.42 -18.41 -31.28
C TRP A 589 -10.20 -18.24 -32.57
N THR A 590 -11.31 -18.99 -32.72
CA THR A 590 -12.30 -18.77 -33.77
C THR A 590 -13.75 -18.87 -33.25
N THR A 591 -14.68 -18.20 -33.95
CA THR A 591 -16.11 -18.30 -33.63
C THR A 591 -16.91 -19.11 -34.66
N SER A 592 -18.05 -19.65 -34.24
CA SER A 592 -18.93 -20.35 -35.17
C SER A 592 -20.09 -19.45 -35.58
N ASP A 593 -20.12 -18.24 -35.03
CA ASP A 593 -21.16 -17.27 -35.35
C ASP A 593 -20.81 -15.89 -34.79
N ALA A 594 -20.05 -15.10 -35.55
CA ALA A 594 -19.53 -13.83 -35.05
C ALA A 594 -20.62 -12.77 -34.84
N LYS A 595 -21.82 -13.05 -35.33
CA LYS A 595 -22.98 -12.18 -35.07
C LYS A 595 -23.33 -12.21 -33.58
N VAL A 596 -22.92 -13.29 -32.92
CA VAL A 596 -23.19 -13.51 -31.50
C VAL A 596 -22.02 -13.08 -30.63
N VAL A 597 -20.84 -13.58 -30.98
CA VAL A 597 -19.61 -13.26 -30.27
C VAL A 597 -18.43 -13.39 -31.25
N SER A 598 -17.57 -12.37 -31.28
CA SER A 598 -16.48 -12.35 -32.24
C SER A 598 -15.39 -13.36 -31.89
N GLU A 599 -14.30 -13.31 -32.65
CA GLU A 599 -13.10 -14.11 -32.36
C GLU A 599 -12.33 -13.54 -31.19
N THR A 600 -12.75 -12.38 -30.73
CA THR A 600 -12.01 -11.71 -29.67
C THR A 600 -12.86 -11.71 -28.41
N GLY A 601 -14.03 -12.34 -28.50
CA GLY A 601 -14.92 -12.46 -27.37
C GLY A 601 -15.78 -11.24 -27.18
N VAL A 602 -15.89 -10.41 -28.22
CA VAL A 602 -16.83 -9.29 -28.18
C VAL A 602 -18.23 -9.81 -28.36
N VAL A 603 -19.13 -9.48 -27.43
CA VAL A 603 -20.47 -10.05 -27.51
C VAL A 603 -21.54 -9.03 -27.90
N HIS A 604 -22.57 -9.54 -28.55
CA HIS A 604 -23.70 -8.74 -29.00
C HIS A 604 -24.99 -9.24 -28.36
N ARG A 605 -25.36 -8.59 -27.26
CA ARG A 605 -26.55 -8.98 -26.52
C ARG A 605 -27.79 -8.59 -27.31
N PRO A 606 -28.72 -9.54 -27.53
CA PRO A 606 -29.93 -9.31 -28.32
C PRO A 606 -30.91 -8.30 -27.70
N GLU A 607 -31.94 -7.95 -28.48
CA GLU A 607 -32.93 -6.97 -28.06
C GLU A 607 -33.75 -7.51 -26.90
N VAL A 608 -34.14 -6.62 -25.99
CA VAL A 608 -34.89 -7.03 -24.82
C VAL A 608 -36.18 -7.75 -25.23
N GLY A 609 -36.30 -8.99 -24.79
CA GLY A 609 -37.41 -9.83 -25.21
C GLY A 609 -36.95 -10.99 -26.07
N SER A 610 -35.86 -10.78 -26.81
CA SER A 610 -35.32 -11.82 -27.68
C SER A 610 -34.95 -13.05 -26.88
N ALA A 611 -34.75 -14.16 -27.58
CA ALA A 611 -34.21 -15.35 -26.94
C ALA A 611 -32.73 -15.15 -26.71
N PRO A 612 -32.18 -15.80 -25.68
CA PRO A 612 -30.71 -15.91 -25.58
C PRO A 612 -30.11 -16.41 -26.89
N VAL A 613 -29.06 -15.75 -27.36
CA VAL A 613 -28.38 -16.14 -28.59
C VAL A 613 -27.14 -16.99 -28.28
N THR A 614 -26.98 -18.12 -28.96
CA THR A 614 -25.89 -19.04 -28.66
C THR A 614 -24.91 -19.22 -29.81
N ALA A 615 -23.68 -19.63 -29.47
CA ALA A 615 -22.59 -19.80 -30.43
C ALA A 615 -21.42 -20.55 -29.79
N THR A 616 -20.52 -21.04 -30.64
CA THR A 616 -19.35 -21.82 -30.20
C THR A 616 -18.04 -21.11 -30.50
N LEU A 617 -17.18 -21.03 -29.49
CA LEU A 617 -15.81 -20.55 -29.63
C LEU A 617 -14.85 -21.73 -29.56
N THR A 618 -13.82 -21.71 -30.39
CA THR A 618 -12.88 -22.82 -30.46
C THR A 618 -11.44 -22.36 -30.29
N ALA A 619 -10.74 -23.01 -29.37
CA ALA A 619 -9.36 -22.65 -29.05
C ALA A 619 -8.38 -23.63 -29.65
N THR A 620 -7.35 -23.10 -30.31
CA THR A 620 -6.26 -23.94 -30.81
C THR A 620 -4.99 -23.65 -30.04
N ILE A 621 -4.41 -24.70 -29.46
CA ILE A 621 -3.36 -24.55 -28.46
C ILE A 621 -2.07 -25.18 -28.92
N THR A 622 -1.06 -24.36 -29.17
CA THR A 622 0.21 -24.90 -29.70
C THR A 622 1.46 -24.55 -28.89
N LYS A 623 2.42 -25.44 -28.93
CA LYS A 623 3.73 -25.24 -28.34
C LYS A 623 4.64 -26.24 -29.03
N GLY A 624 5.70 -25.74 -29.67
CA GLY A 624 6.54 -26.63 -30.46
C GLY A 624 5.69 -27.28 -31.54
N ASP A 625 5.69 -28.61 -31.58
CA ASP A 625 4.89 -29.32 -32.57
C ASP A 625 3.72 -30.07 -31.96
N ALA A 626 3.51 -29.84 -30.67
CA ALA A 626 2.31 -30.31 -30.00
C ALA A 626 1.13 -29.40 -30.36
N THR A 627 -0.08 -29.95 -30.37
CA THR A 627 -1.26 -29.14 -30.63
C THR A 627 -2.49 -29.75 -29.93
N ALA A 628 -3.41 -28.90 -29.50
CA ALA A 628 -4.68 -29.40 -28.99
C ALA A 628 -5.79 -28.41 -29.28
N THR A 629 -7.01 -28.79 -28.93
CA THR A 629 -8.19 -28.00 -29.26
C THR A 629 -9.20 -28.12 -28.13
N LYS A 630 -9.95 -27.05 -27.89
CA LYS A 630 -11.03 -27.04 -26.91
C LYS A 630 -12.14 -26.17 -27.45
N VAL A 631 -13.39 -26.53 -27.20
CA VAL A 631 -14.50 -25.73 -27.69
C VAL A 631 -15.40 -25.29 -26.54
N PHE A 632 -15.97 -24.10 -26.69
CA PHE A 632 -16.75 -23.47 -25.63
C PHE A 632 -18.07 -22.99 -26.19
N HIS A 633 -19.17 -23.46 -25.60
CA HIS A 633 -20.51 -23.06 -26.01
C HIS A 633 -20.97 -21.84 -25.25
N ILE A 634 -21.08 -20.73 -25.98
CA ILE A 634 -21.44 -19.45 -25.38
C ILE A 634 -22.92 -19.18 -25.61
N THR A 635 -23.59 -18.74 -24.55
CA THR A 635 -24.97 -18.29 -24.63
C THR A 635 -25.05 -16.85 -24.15
N VAL A 636 -25.35 -15.92 -25.03
CA VAL A 636 -25.35 -14.49 -24.68
C VAL A 636 -26.75 -13.99 -24.33
N LEU A 637 -26.91 -13.48 -23.10
CA LEU A 637 -28.21 -13.07 -22.63
C LEU A 637 -28.56 -11.69 -23.14
N PRO A 638 -29.84 -11.48 -23.47
CA PRO A 638 -30.36 -10.20 -23.96
C PRO A 638 -30.26 -9.08 -22.94
N TYR A 639 -30.35 -7.84 -23.41
CA TYR A 639 -30.44 -6.69 -22.52
C TYR A 639 -31.65 -6.81 -21.61
N GLU A 640 -31.58 -6.11 -20.48
CA GLU A 640 -32.59 -6.21 -19.45
C GLU A 640 -32.72 -4.88 -18.73
N GLU A 641 -33.89 -4.63 -18.15
CA GLU A 641 -34.08 -3.45 -17.32
C GLU A 641 -33.24 -3.52 -16.06
N ALA A 642 -32.67 -2.39 -15.66
CA ALA A 642 -31.88 -2.34 -14.44
C ALA A 642 -32.76 -2.68 -13.24
N LYS A 643 -32.19 -3.37 -12.26
CA LYS A 643 -32.95 -3.80 -11.11
C LYS A 643 -32.68 -2.93 -9.87
N LEU A 644 -33.75 -2.42 -9.27
CA LEU A 644 -33.64 -1.67 -8.04
C LEU A 644 -33.09 -2.56 -6.92
N THR A 645 -31.97 -2.15 -6.32
CA THR A 645 -31.36 -2.93 -5.25
C THR A 645 -31.53 -2.24 -3.89
N ALA A 646 -31.60 -0.92 -3.91
CA ALA A 646 -31.84 -0.13 -2.71
C ALA A 646 -32.70 1.09 -3.05
N HIS A 647 -33.41 1.60 -2.04
CA HIS A 647 -34.31 2.73 -2.22
C HIS A 647 -34.46 3.45 -0.89
N TYR A 648 -33.73 4.56 -0.73
CA TYR A 648 -33.86 5.38 0.47
C TYR A 648 -34.85 6.51 0.20
N SER A 649 -36.06 6.37 0.72
CA SER A 649 -37.13 7.32 0.41
C SER A 649 -37.28 8.41 1.47
N PHE A 650 -36.80 8.13 2.68
CA PHE A 650 -36.98 9.01 3.85
C PHE A 650 -38.45 9.23 4.18
N ASP A 651 -39.33 8.41 3.61
CA ASP A 651 -40.79 8.59 3.74
C ASP A 651 -41.29 8.35 5.16
N ASN A 652 -40.46 7.70 5.98
CA ASN A 652 -40.81 7.40 7.36
C ASN A 652 -39.94 8.19 8.34
N ASN A 653 -39.45 9.34 7.87
CA ASN A 653 -38.56 10.20 8.65
C ASN A 653 -37.38 9.43 9.28
N ASP A 654 -36.82 8.49 8.52
CA ASP A 654 -35.65 7.72 8.94
C ASP A 654 -34.65 7.55 7.80
N LEU A 655 -33.60 6.76 8.02
CA LEU A 655 -32.58 6.55 7.01
C LEU A 655 -32.59 5.10 6.51
N SER A 656 -33.78 4.52 6.41
CA SER A 656 -33.93 3.11 6.07
C SER A 656 -33.99 2.82 4.57
N ASP A 657 -33.80 1.57 4.20
CA ASP A 657 -33.87 1.12 2.81
C ASP A 657 -35.20 0.40 2.55
N SER A 658 -35.95 0.86 1.55
CA SER A 658 -37.31 0.35 1.30
C SER A 658 -37.36 -1.09 0.80
N THR A 659 -36.37 -1.51 0.02
CA THR A 659 -36.38 -2.87 -0.52
C THR A 659 -35.96 -3.86 0.56
N GLY A 660 -35.32 -3.36 1.62
CA GLY A 660 -34.88 -4.20 2.71
C GLY A 660 -33.67 -5.07 2.44
N ASN A 661 -33.00 -4.82 1.31
CA ASN A 661 -31.75 -5.51 1.00
C ASN A 661 -30.62 -4.97 1.85
N PHE A 662 -30.62 -3.66 2.07
CA PHE A 662 -29.52 -2.99 2.76
C PHE A 662 -29.97 -2.39 4.08
N GLY A 663 -29.02 -2.28 5.02
CA GLY A 663 -29.32 -1.71 6.32
C GLY A 663 -29.64 -0.23 6.24
N PRO A 664 -29.90 0.39 7.40
CA PRO A 664 -30.20 1.83 7.42
C PRO A 664 -28.95 2.66 7.16
N GLY A 665 -29.14 3.95 6.95
CA GLY A 665 -28.03 4.87 6.82
C GLY A 665 -27.75 5.48 8.17
N THR A 666 -26.55 6.03 8.34
CA THR A 666 -26.22 6.67 9.61
C THR A 666 -25.83 8.13 9.38
N ILE A 667 -26.00 8.95 10.41
CA ILE A 667 -25.76 10.39 10.30
C ILE A 667 -24.27 10.72 10.46
N THR A 668 -23.78 11.67 9.68
CA THR A 668 -22.38 12.09 9.72
C THR A 668 -22.28 13.56 10.09
N GLY A 669 -21.05 14.02 10.27
CA GLY A 669 -20.80 15.44 10.48
C GLY A 669 -20.25 16.07 9.22
N ASN A 670 -19.17 16.83 9.37
CA ASN A 670 -18.57 17.57 8.25
C ASN A 670 -17.99 16.69 7.13
N ARG A 671 -17.73 15.42 7.42
CA ARG A 671 -17.19 14.50 6.40
C ARG A 671 -17.71 13.07 6.51
N ILE A 672 -17.32 12.23 5.56
CA ILE A 672 -17.89 10.90 5.41
C ILE A 672 -17.58 9.98 6.59
N ASP A 673 -16.41 10.20 7.21
CA ASP A 673 -15.95 9.31 8.28
C ASP A 673 -16.52 9.68 9.67
N ASN A 674 -16.42 10.96 10.04
CA ASN A 674 -16.80 11.40 11.38
C ASN A 674 -18.32 11.36 11.62
N GLU A 675 -18.73 11.75 12.82
CA GLU A 675 -20.14 11.81 13.19
C GLU A 675 -20.47 13.17 13.80
N GLY A 676 -21.64 13.29 14.42
CA GLY A 676 -22.00 14.51 15.12
C GLY A 676 -23.22 15.26 14.60
N GLY A 677 -23.32 15.40 13.28
CA GLY A 677 -24.41 16.16 12.67
C GLY A 677 -25.81 15.64 12.91
N THR A 678 -26.76 16.17 12.14
CA THR A 678 -28.18 15.85 12.31
C THR A 678 -28.92 15.84 10.98
N ILE A 679 -29.95 15.01 10.88
CA ILE A 679 -30.77 14.94 9.67
C ILE A 679 -32.24 15.17 10.00
N ALA A 680 -32.73 16.35 9.62
CA ALA A 680 -34.16 16.68 9.78
C ALA A 680 -34.96 16.24 8.53
N TYR A 681 -36.28 16.36 8.60
CA TYR A 681 -37.14 15.87 7.52
C TYR A 681 -38.29 16.81 7.15
N ALA A 682 -38.33 17.24 5.90
CA ALA A 682 -39.37 18.14 5.39
C ALA A 682 -40.17 17.52 4.25
N ASP A 683 -41.17 18.24 3.72
CA ASP A 683 -41.96 17.73 2.59
C ASP A 683 -41.13 17.75 1.31
N GLY A 684 -41.08 16.62 0.61
CA GLY A 684 -40.19 16.48 -0.53
C GLY A 684 -40.92 16.40 -1.85
N LYS A 685 -40.26 15.83 -2.85
CA LYS A 685 -40.83 15.62 -4.18
C LYS A 685 -41.82 14.47 -4.12
N ILE A 686 -41.41 13.39 -3.46
CA ILE A 686 -42.31 12.29 -3.16
C ILE A 686 -42.28 12.05 -1.66
N GLY A 687 -43.25 12.64 -0.97
CA GLY A 687 -43.40 12.47 0.47
C GLY A 687 -42.46 13.34 1.29
N LYS A 688 -41.93 12.73 2.35
CA LYS A 688 -40.90 13.36 3.18
C LYS A 688 -39.51 13.23 2.51
N ALA A 689 -38.65 14.23 2.69
CA ALA A 689 -37.26 14.15 2.19
C ALA A 689 -36.28 14.41 3.33
N ALA A 690 -34.98 14.25 3.05
CA ALA A 690 -33.95 14.45 4.06
C ALA A 690 -33.31 15.84 3.94
N VAL A 691 -33.13 16.47 5.09
CA VAL A 691 -32.63 17.83 5.12
C VAL A 691 -31.15 17.84 5.53
N LEU A 692 -30.35 18.53 4.73
CA LEU A 692 -28.93 18.71 5.04
C LEU A 692 -28.62 20.17 5.37
N ASN A 693 -28.33 20.42 6.65
CA ASN A 693 -28.13 21.77 7.17
C ASN A 693 -26.83 22.43 6.69
N GLY A 694 -25.92 21.63 6.16
CA GLY A 694 -24.65 22.16 5.67
C GLY A 694 -23.47 21.74 6.52
N GLN A 695 -23.74 21.01 7.61
CA GLN A 695 -22.69 20.52 8.49
C GLN A 695 -22.92 19.04 8.79
N SER A 696 -23.71 18.38 7.94
CA SER A 696 -24.01 16.96 8.13
C SER A 696 -24.04 16.21 6.81
N GLY A 697 -24.29 14.90 6.90
CA GLY A 697 -24.32 14.05 5.74
C GLY A 697 -25.01 12.76 6.10
N ILE A 698 -25.03 11.82 5.15
CA ILE A 698 -25.66 10.52 5.36
C ILE A 698 -24.72 9.42 4.92
N ARG A 699 -24.29 8.58 5.85
CA ARG A 699 -23.45 7.44 5.48
C ARG A 699 -24.32 6.23 5.12
N LEU A 700 -24.03 5.63 3.98
CA LEU A 700 -24.78 4.49 3.47
C LEU A 700 -23.94 3.22 3.65
N PRO A 701 -24.62 2.05 3.78
CA PRO A 701 -23.95 0.75 3.96
C PRO A 701 -22.77 0.52 3.02
N ASP A 702 -21.80 -0.28 3.46
CA ASP A 702 -20.61 -0.56 2.67
C ASP A 702 -20.92 -1.59 1.57
N GLY A 703 -20.46 -1.32 0.36
CA GLY A 703 -20.71 -2.21 -0.76
C GLY A 703 -22.10 -2.02 -1.35
N LEU A 704 -22.60 -0.78 -1.24
CA LEU A 704 -23.88 -0.39 -1.83
C LEU A 704 -23.85 -0.66 -3.34
N VAL A 705 -22.76 -0.26 -3.96
CA VAL A 705 -22.45 -0.60 -5.35
C VAL A 705 -21.21 -1.47 -5.37
N SER A 706 -21.36 -2.70 -5.86
CA SER A 706 -20.26 -3.66 -5.80
C SER A 706 -20.06 -4.40 -7.13
N SER A 707 -20.08 -3.64 -8.22
CA SER A 707 -19.92 -4.17 -9.56
C SER A 707 -19.59 -3.04 -10.54
N ASN A 708 -19.58 -3.37 -11.83
CA ASN A 708 -19.25 -2.40 -12.86
C ASN A 708 -20.41 -2.21 -13.84
N GLN A 709 -21.59 -2.69 -13.42
CA GLN A 709 -22.85 -2.39 -14.11
C GLN A 709 -23.87 -1.90 -13.08
N TYR A 710 -24.20 -0.61 -13.12
CA TYR A 710 -25.01 -0.01 -12.06
C TYR A 710 -25.52 1.40 -12.40
N SER A 711 -26.55 1.84 -11.69
CA SER A 711 -27.11 3.19 -11.88
C SER A 711 -27.58 3.80 -10.55
N VAL A 712 -27.66 5.12 -10.52
CA VAL A 712 -28.12 5.86 -9.34
C VAL A 712 -29.10 6.96 -9.77
N SER A 713 -30.17 7.16 -9.00
CA SER A 713 -31.16 8.22 -9.26
C SER A 713 -31.49 8.94 -7.96
N LEU A 714 -31.75 10.25 -8.03
CA LEU A 714 -32.16 11.02 -6.86
C LEU A 714 -32.63 12.43 -7.21
N TRP A 715 -33.51 12.95 -6.35
CA TRP A 715 -33.97 14.34 -6.45
C TRP A 715 -33.18 15.18 -5.49
N VAL A 716 -32.73 16.34 -5.96
CA VAL A 716 -32.07 17.29 -5.07
C VAL A 716 -32.76 18.66 -5.16
N LYS A 717 -32.78 19.36 -4.03
CA LYS A 717 -33.11 20.78 -4.01
C LYS A 717 -32.01 21.52 -3.24
N PRO A 718 -31.09 22.16 -3.98
CA PRO A 718 -29.96 22.87 -3.36
C PRO A 718 -30.35 24.23 -2.80
N GLU A 719 -29.97 24.49 -1.55
CA GLU A 719 -30.15 25.81 -0.95
C GLU A 719 -29.01 26.74 -1.34
N GLN A 720 -27.84 26.16 -1.55
CA GLN A 720 -26.66 26.90 -1.97
C GLN A 720 -25.70 26.00 -2.74
N LEU A 721 -24.97 26.59 -3.68
CA LEU A 721 -23.97 25.86 -4.45
C LEU A 721 -22.54 26.19 -3.98
N THR A 722 -21.75 25.14 -3.82
CA THR A 722 -20.33 25.27 -3.54
C THR A 722 -19.56 24.24 -4.38
N THR A 723 -18.48 24.69 -5.01
CA THR A 723 -17.71 23.88 -5.95
C THR A 723 -17.14 22.60 -5.33
N HIS A 724 -17.30 21.49 -6.07
CA HIS A 724 -16.85 20.15 -5.68
C HIS A 724 -17.65 19.52 -4.54
N THR A 725 -18.67 20.22 -4.06
CA THR A 725 -19.61 19.63 -3.10
C THR A 725 -20.38 18.46 -3.71
N THR A 726 -20.37 17.33 -3.03
CA THR A 726 -20.97 16.11 -3.53
C THR A 726 -22.44 15.95 -3.14
N THR A 727 -23.18 15.19 -3.94
CA THR A 727 -24.48 14.65 -3.53
C THR A 727 -24.27 13.17 -3.27
N PHE A 728 -24.36 12.36 -4.32
CA PHE A 728 -23.97 10.95 -4.23
C PHE A 728 -22.45 10.81 -4.34
N PHE A 729 -21.85 10.12 -3.37
CA PHE A 729 -20.40 9.89 -3.31
C PHE A 729 -20.12 8.45 -2.89
N GLY A 730 -19.30 7.76 -3.68
CA GLY A 730 -18.89 6.40 -3.36
C GLY A 730 -17.40 6.21 -3.62
N ALA A 731 -16.74 5.51 -2.70
CA ALA A 731 -15.28 5.33 -2.76
C ALA A 731 -14.86 3.99 -2.17
N LYS A 732 -14.02 3.26 -2.88
CA LYS A 732 -13.45 2.00 -2.37
C LYS A 732 -12.52 2.30 -1.18
N ASP A 733 -11.93 3.50 -1.21
CA ASP A 733 -11.12 4.13 -0.16
C ASP A 733 -10.70 5.53 -0.66
N PRO A 734 -10.16 6.41 0.22
CA PRO A 734 -10.01 7.84 -0.17
C PRO A 734 -9.19 8.16 -1.43
N ASN A 735 -9.06 7.18 -2.32
CA ASN A 735 -8.20 7.32 -3.49
C ASN A 735 -8.89 6.88 -4.79
N HIS A 736 -9.95 6.10 -4.66
CA HIS A 736 -10.75 5.65 -5.79
C HIS A 736 -12.22 5.95 -5.52
N TRP A 737 -12.72 7.06 -6.08
CA TRP A 737 -14.07 7.56 -5.79
C TRP A 737 -14.86 8.08 -7.00
N ILE A 738 -16.19 8.00 -6.89
CA ILE A 738 -17.09 8.60 -7.87
C ILE A 738 -17.95 9.68 -7.18
N SER A 739 -18.11 10.83 -7.81
CA SER A 739 -18.95 11.86 -7.20
C SER A 739 -19.90 12.55 -8.18
N LEU A 740 -21.16 12.62 -7.78
CA LEU A 740 -22.18 13.36 -8.51
C LEU A 740 -22.23 14.80 -7.98
N VAL A 741 -21.78 15.76 -8.80
CA VAL A 741 -21.52 17.13 -8.33
C VAL A 741 -22.43 18.18 -8.96
N PRO A 742 -23.30 18.81 -8.14
CA PRO A 742 -24.21 19.89 -8.55
C PRO A 742 -23.50 21.06 -9.22
N GLN A 743 -22.41 21.53 -8.60
CA GLN A 743 -21.54 22.55 -9.19
C GLN A 743 -20.10 22.06 -9.17
N GLY A 744 -19.54 21.84 -10.34
CA GLY A 744 -18.19 21.33 -10.46
C GLY A 744 -17.22 22.44 -10.79
N TRP A 745 -15.97 22.08 -11.07
CA TRP A 745 -14.93 23.08 -11.32
C TRP A 745 -15.21 23.94 -12.55
N ASP A 746 -16.03 23.44 -13.48
CA ASP A 746 -16.38 24.23 -14.67
C ASP A 746 -17.60 25.10 -14.41
N GLY A 747 -18.12 25.06 -13.18
CA GLY A 747 -19.27 25.84 -12.79
C GLY A 747 -20.59 25.16 -13.17
N ASN A 748 -20.51 23.91 -13.60
CA ASN A 748 -21.70 23.18 -14.06
C ASN A 748 -21.88 21.84 -13.35
N THR A 749 -23.05 21.24 -13.49
CA THR A 749 -23.30 19.91 -12.95
C THR A 749 -22.48 18.87 -13.72
N MET A 750 -21.92 17.90 -13.00
CA MET A 750 -21.14 16.85 -13.62
C MET A 750 -20.97 15.63 -12.73
N LEU A 751 -20.67 14.50 -13.37
CA LEU A 751 -20.22 13.29 -12.68
C LEU A 751 -18.69 13.25 -12.74
N TRP A 752 -18.05 13.05 -11.59
CA TRP A 752 -16.60 13.18 -11.54
C TRP A 752 -15.97 12.01 -10.77
N SER A 753 -14.73 11.64 -11.13
CA SER A 753 -14.07 10.47 -10.52
C SER A 753 -12.58 10.74 -10.20
N GLY A 754 -12.06 10.08 -9.17
CA GLY A 754 -10.67 10.25 -8.74
C GLY A 754 -10.34 9.21 -7.66
N SER A 755 -9.08 9.10 -7.26
CA SER A 755 -8.02 10.01 -7.66
C SER A 755 -7.09 9.45 -8.75
N SER A 756 -7.30 8.22 -9.17
CA SER A 756 -6.54 7.69 -10.31
C SER A 756 -7.33 6.61 -11.06
N PRO A 757 -7.71 6.91 -12.32
CA PRO A 757 -7.43 8.19 -12.99
C PRO A 757 -8.41 9.29 -12.59
N TRP A 758 -8.63 10.22 -13.52
CA TRP A 758 -9.60 11.27 -13.31
C TRP A 758 -10.52 11.41 -14.51
N TYR A 759 -11.81 11.18 -14.26
CA TYR A 759 -12.84 11.25 -15.30
C TYR A 759 -13.79 12.43 -15.11
N ASP A 760 -13.84 13.31 -16.11
CA ASP A 760 -14.71 14.50 -16.06
C ASP A 760 -15.96 14.38 -16.92
N GLY A 761 -16.98 13.69 -16.43
CA GLY A 761 -18.23 13.57 -17.17
C GLY A 761 -19.13 14.78 -17.00
N ARG A 762 -18.97 15.79 -17.86
CA ARG A 762 -19.71 17.04 -17.68
C ARG A 762 -20.89 17.24 -18.63
N THR A 763 -21.89 17.96 -18.14
CA THR A 763 -23.16 18.15 -18.83
C THR A 763 -23.36 19.54 -19.39
N PHE A 764 -22.51 20.47 -18.95
CA PHE A 764 -22.59 21.88 -19.33
C PHE A 764 -23.97 22.47 -18.98
N TRP A 765 -24.52 22.02 -17.85
CA TRP A 765 -25.82 22.49 -17.40
C TRP A 765 -25.73 22.97 -15.95
N LYS A 766 -26.30 24.14 -15.67
CA LYS A 766 -26.20 24.68 -14.33
C LYS A 766 -27.48 24.44 -13.55
N ILE A 767 -27.32 23.92 -12.33
CA ILE A 767 -28.45 23.50 -11.52
C ILE A 767 -28.99 24.68 -10.70
N PRO A 768 -30.32 24.88 -10.72
CA PRO A 768 -30.91 26.00 -9.98
C PRO A 768 -31.12 25.72 -8.50
N THR A 769 -30.75 26.68 -7.64
CA THR A 769 -31.09 26.63 -6.22
C THR A 769 -32.59 26.83 -6.01
N GLY A 770 -33.13 26.30 -4.91
CA GLY A 770 -34.52 26.49 -4.56
C GLY A 770 -35.52 25.72 -5.39
N GLN A 771 -35.05 24.80 -6.23
CA GLN A 771 -35.94 24.02 -7.08
C GLN A 771 -35.52 22.56 -7.15
N TRP A 772 -36.47 21.71 -7.53
CA TRP A 772 -36.22 20.26 -7.58
C TRP A 772 -35.62 19.84 -8.91
N THR A 773 -34.43 19.25 -8.84
CA THR A 773 -33.81 18.68 -10.03
C THR A 773 -33.63 17.19 -9.83
N HIS A 774 -34.00 16.40 -10.84
CA HIS A 774 -33.75 14.98 -10.81
C HIS A 774 -32.41 14.68 -11.48
N LEU A 775 -31.63 13.83 -10.85
CA LEU A 775 -30.32 13.47 -11.36
C LEU A 775 -30.17 11.95 -11.42
N ALA A 776 -29.67 11.44 -12.54
CA ALA A 776 -29.37 10.02 -12.66
C ALA A 776 -28.17 9.76 -13.58
N PHE A 777 -27.42 8.71 -13.26
CA PHE A 777 -26.35 8.28 -14.14
C PHE A 777 -26.26 6.77 -14.19
N SER A 778 -25.65 6.27 -15.26
CA SER A 778 -25.48 4.83 -15.45
C SER A 778 -24.06 4.45 -15.89
N VAL A 779 -23.56 3.33 -15.39
CA VAL A 779 -22.24 2.83 -15.71
C VAL A 779 -22.37 1.37 -16.19
N ASP A 780 -21.63 1.02 -17.25
CA ASP A 780 -21.91 -0.25 -17.96
C ASP A 780 -20.67 -1.01 -18.48
N ASN A 781 -19.66 -1.21 -17.65
CA ASN A 781 -18.34 -1.67 -18.11
C ASN A 781 -17.69 -0.64 -19.00
N GLY A 782 -17.47 0.57 -18.50
CA GLY A 782 -16.73 1.56 -19.24
C GLY A 782 -17.53 2.73 -19.77
N ALA A 783 -18.70 2.50 -20.33
CA ALA A 783 -19.48 3.64 -20.81
C ALA A 783 -20.40 4.18 -19.72
N VAL A 784 -20.70 5.45 -19.83
CA VAL A 784 -21.37 6.17 -18.76
C VAL A 784 -22.31 7.19 -19.36
N LYS A 785 -23.53 7.25 -18.85
CA LYS A 785 -24.50 8.26 -19.25
C LYS A 785 -24.96 9.05 -18.03
N VAL A 786 -25.17 10.35 -18.21
CA VAL A 786 -25.71 11.20 -17.14
C VAL A 786 -26.99 11.88 -17.60
N TYR A 787 -27.99 11.92 -16.72
CA TYR A 787 -29.30 12.47 -17.07
C TYR A 787 -29.77 13.60 -16.14
N ILE A 788 -30.23 14.69 -16.73
CA ILE A 788 -30.79 15.79 -15.96
C ILE A 788 -32.25 15.94 -16.33
N ASN A 789 -33.12 15.80 -15.33
CA ASN A 789 -34.57 15.80 -15.55
C ASN A 789 -34.97 14.95 -16.76
N GLY A 790 -34.45 13.73 -16.82
CA GLY A 790 -34.89 12.77 -17.83
C GLY A 790 -34.19 12.94 -19.17
N VAL A 791 -33.37 13.97 -19.28
CA VAL A 791 -32.63 14.22 -20.51
C VAL A 791 -31.16 13.81 -20.40
N GLU A 792 -30.71 13.05 -21.39
CA GLU A 792 -29.30 12.70 -21.50
C GLU A 792 -28.45 13.98 -21.68
N LYS A 793 -27.39 14.13 -20.89
CA LYS A 793 -26.54 15.30 -21.06
C LYS A 793 -25.05 14.94 -21.16
N PHE A 794 -24.71 13.68 -20.92
CA PHE A 794 -23.34 13.24 -21.17
C PHE A 794 -23.27 11.76 -21.54
N SER A 795 -22.70 11.46 -22.70
CA SER A 795 -22.26 10.11 -23.06
C SER A 795 -20.75 10.07 -23.24
N GLY A 796 -20.11 9.17 -22.51
CA GLY A 796 -18.68 8.95 -22.66
C GLY A 796 -18.39 7.48 -22.45
N THR A 797 -17.15 7.10 -22.70
CA THR A 797 -16.69 5.75 -22.41
C THR A 797 -15.44 5.82 -21.54
N ASN A 798 -14.88 4.67 -21.22
CA ASN A 798 -13.67 4.56 -20.38
C ASN A 798 -13.85 5.16 -18.98
N PHE A 799 -14.99 4.88 -18.35
CA PHE A 799 -15.22 5.29 -16.98
C PHE A 799 -14.58 4.25 -16.05
N PRO A 800 -13.94 4.72 -14.97
CA PRO A 800 -13.24 3.85 -14.00
C PRO A 800 -14.09 2.70 -13.45
N ASP A 801 -13.44 1.68 -12.90
CA ASP A 801 -14.12 0.52 -12.31
C ASP A 801 -13.87 0.53 -10.79
N VAL A 802 -14.42 1.56 -10.15
CA VAL A 802 -14.14 1.86 -8.75
C VAL A 802 -14.58 0.78 -7.74
N PHE A 803 -15.67 0.06 -8.04
CA PHE A 803 -16.35 -0.72 -7.00
C PHE A 803 -16.27 -2.25 -7.06
N THR A 804 -15.84 -2.82 -8.18
CA THR A 804 -15.72 -4.29 -8.23
C THR A 804 -14.59 -4.72 -7.29
N GLY A 805 -14.77 -5.87 -6.65
CA GLY A 805 -13.76 -6.44 -5.78
C GLY A 805 -13.66 -5.75 -4.43
N ALA A 806 -13.99 -4.48 -4.39
CA ALA A 806 -13.97 -3.78 -3.11
C ALA A 806 -15.36 -3.86 -2.57
N ASN A 807 -15.61 -3.05 -1.57
CA ASN A 807 -16.95 -2.93 -1.02
C ASN A 807 -16.92 -1.53 -0.43
N ALA A 808 -17.28 -0.58 -1.28
CA ALA A 808 -16.92 0.81 -1.09
C ALA A 808 -17.71 1.50 0.02
N SER A 809 -17.15 2.62 0.49
CA SER A 809 -17.86 3.50 1.41
C SER A 809 -18.67 4.51 0.59
N PHE A 810 -19.94 4.64 0.95
CA PHE A 810 -20.86 5.51 0.21
C PHE A 810 -21.46 6.57 1.11
N ALA A 811 -21.73 7.75 0.54
CA ALA A 811 -22.37 8.81 1.30
C ALA A 811 -23.27 9.74 0.47
N LEU A 812 -24.12 10.47 1.18
CA LEU A 812 -24.91 11.55 0.61
C LEU A 812 -24.48 12.88 1.20
N GLY A 813 -23.88 13.73 0.38
CA GLY A 813 -23.55 15.08 0.79
C GLY A 813 -22.13 15.32 1.30
N VAL A 814 -21.44 14.27 1.77
CA VAL A 814 -20.10 14.47 2.36
C VAL A 814 -19.02 13.53 1.80
N ASN A 815 -17.82 14.09 1.54
CA ASN A 815 -16.67 13.30 1.10
C ASN A 815 -15.51 13.42 2.11
N TRP A 816 -14.32 13.79 1.61
CA TRP A 816 -13.16 13.98 2.49
C TRP A 816 -12.54 15.38 2.41
N TRP A 817 -13.05 16.24 1.52
CA TRP A 817 -12.35 17.48 1.19
C TRP A 817 -13.25 18.70 1.11
N ASP A 818 -14.53 18.48 0.84
CA ASP A 818 -15.39 19.57 0.40
C ASP A 818 -16.53 19.88 1.37
N PRO A 819 -17.03 21.14 1.34
CA PRO A 819 -18.20 21.51 2.15
C PRO A 819 -19.40 20.60 1.86
N PRO A 820 -20.08 20.14 2.92
CA PRO A 820 -21.24 19.25 2.76
C PRO A 820 -22.33 19.93 1.93
N PHE A 821 -23.26 19.12 1.42
CA PHE A 821 -24.38 19.65 0.67
C PHE A 821 -25.34 20.38 1.60
N LYS A 822 -25.89 21.49 1.12
CA LYS A 822 -26.93 22.24 1.85
C LYS A 822 -28.24 22.32 1.08
N GLY A 823 -29.23 21.56 1.53
CA GLY A 823 -30.53 21.56 0.90
C GLY A 823 -31.27 20.26 1.11
N LEU A 824 -32.13 19.91 0.16
CA LEU A 824 -32.95 18.70 0.28
C LEU A 824 -32.52 17.59 -0.70
N ILE A 825 -32.49 16.35 -0.19
CA ILE A 825 -32.28 15.14 -0.99
C ILE A 825 -33.48 14.22 -0.85
N ASP A 826 -33.94 13.67 -1.96
CA ASP A 826 -35.07 12.74 -1.90
C ASP A 826 -34.98 11.57 -2.87
N GLU A 827 -35.63 10.46 -2.51
CA GLU A 827 -35.76 9.27 -3.35
C GLU A 827 -34.45 8.76 -3.94
N LEU A 828 -33.48 8.44 -3.09
CA LEU A 828 -32.25 7.83 -3.57
C LEU A 828 -32.52 6.41 -4.03
N ARG A 829 -32.36 6.16 -5.32
CA ARG A 829 -32.59 4.85 -5.90
C ARG A 829 -31.27 4.27 -6.46
N ILE A 830 -30.94 3.05 -6.06
CA ILE A 830 -29.75 2.37 -6.57
C ILE A 830 -30.15 1.16 -7.42
N TYR A 831 -29.46 0.97 -8.55
CA TYR A 831 -29.76 -0.14 -9.46
C TYR A 831 -28.55 -1.03 -9.80
N GLU A 832 -28.85 -2.26 -10.18
CA GLU A 832 -27.89 -3.13 -10.86
C GLU A 832 -28.19 -3.12 -12.35
N GLY A 833 -27.15 -2.96 -13.17
CA GLY A 833 -27.35 -2.76 -14.59
C GLY A 833 -27.57 -1.31 -14.95
N ALA A 834 -27.52 -0.99 -16.24
CA ALA A 834 -27.72 0.37 -16.71
C ALA A 834 -29.21 0.67 -16.95
N LEU A 835 -29.71 1.70 -16.26
CA LEU A 835 -31.07 2.21 -16.47
C LEU A 835 -31.31 2.49 -17.94
N THR A 836 -32.39 1.89 -18.49
CA THR A 836 -32.81 2.23 -19.85
C THR A 836 -33.30 3.67 -19.85
N PRO A 837 -33.21 4.36 -21.00
CA PRO A 837 -33.73 5.74 -21.05
C PRO A 837 -35.22 5.79 -20.65
N SER A 838 -35.95 4.72 -20.93
CA SER A 838 -37.35 4.59 -20.54
C SER A 838 -37.55 4.69 -19.02
N GLN A 839 -36.74 3.93 -18.28
CA GLN A 839 -36.77 4.01 -16.82
C GLN A 839 -36.38 5.40 -16.32
N VAL A 840 -35.48 6.05 -17.04
CA VAL A 840 -35.02 7.38 -16.63
C VAL A 840 -36.19 8.36 -16.65
N THR A 841 -36.93 8.35 -17.75
CA THR A 841 -38.07 9.25 -17.94
C THR A 841 -39.15 9.05 -16.87
N ASP A 842 -39.45 7.79 -16.55
CA ASP A 842 -40.48 7.48 -15.56
C ASP A 842 -40.19 8.08 -14.20
N LEU A 843 -38.93 7.99 -13.77
CA LEU A 843 -38.52 8.53 -12.48
C LEU A 843 -38.56 10.05 -12.49
N ALA A 844 -38.31 10.62 -13.66
CA ALA A 844 -38.21 12.06 -13.81
C ALA A 844 -39.57 12.75 -13.84
N GLN A 845 -40.67 11.97 -13.82
CA GLN A 845 -42.01 12.52 -14.04
C GLN A 845 -43.08 12.17 -13.03
N THR A 846 -43.05 10.94 -12.50
CA THR A 846 -44.09 10.50 -11.56
C THR A 846 -43.55 10.49 -10.12
#